data_4FP2
#
_entry.id   4FP2
#
_cell.length_a   76.456
_cell.length_b   82.794
_cell.length_c   117.843
_cell.angle_alpha   90.000
_cell.angle_beta   90.000
_cell.angle_gamma   90.000
#
_symmetry.space_group_name_H-M   'P 21 21 21'
#
loop_
_entity.id
_entity.type
_entity.pdbx_description
1 polymer 'Sialidase B'
2 non-polymer '2-[(cyclohexylmethyl)amino]ethanesulfonic acid'
3 water water
#
_entity_poly.entity_id   1
_entity_poly.type   'polypeptide(L)'
_entity_poly.pdbx_seq_one_letter_code
;MNKRGLYSKLGISVVGISLLMGVPTLIHANELNYGQLSISPIFQGGSYQLNNKSIDISSLLLDKLSGESQTVVMKFKADK
PNSLQALFGLSNSKAGFKNNYFSIFMRDSGEIGVEIRDAQKGINYLFSRPASLWGKHKGQAVENTLVFVSDSKDKTYTMY
VNGIEVFSETVDTFLPISNINGIDKATLGAVNREGKEHYLAKGSIDEISLFNKAISDQEVSTIPLSNPFQLIFQSGDSTQ
ANYFRIPTLYTLSSGRVLSSIDARYGGTHDSKSKINIATSYSDDNGKTWSEPIFAMKFNDYEEQLVYWPRDNKLKNSQIS
GSASFIDSSIVEDKKSGKTILLADVMPAGIGNNNANKADSGFKEINGHYYLKLKKNGDNDFRYTVRENGVVYNETTNKPT
NYTINDKYEVLEGGKSLTVEQYSVDFDSGSLRERHNGKQVPMNVFYKDSLFKVTPTNYIAMTTSQNRGESWEQFKLLPPF
LGEKHNGTYLCPGQGLALKSSNRLIFATYTSGELTYLISDDSGQTWKKSSASIPFKNATAEAQMVELRDGVIRTFFRTTT
GKIAYMTSRDSGETWSKVSYIDGIQQTSYGTQVSAIKYSQLIDGKEAVILSTPNSRSGRKGGQLVVGLVNKEDDSIDWKY
HYDIDLPSYGYAYSAITELPNHHIGVLFEKYDSWSRNELHLSNVVQYIDLEINDLTK
;
_entity_poly.pdbx_strand_id   A
#
# COMPACT_ATOMS: atom_id res chain seq x y z
N ILE A 39 -0.92 -21.46 -29.84
CA ILE A 39 -0.20 -21.30 -31.10
C ILE A 39 1.32 -21.28 -30.91
N SER A 40 2.04 -21.85 -31.86
CA SER A 40 3.50 -21.83 -31.88
C SER A 40 4.01 -20.41 -32.14
N PRO A 41 5.20 -20.09 -31.61
CA PRO A 41 5.81 -18.78 -31.88
C PRO A 41 6.35 -18.68 -33.31
N ILE A 42 6.38 -17.47 -33.86
CA ILE A 42 6.98 -17.25 -35.17
C ILE A 42 8.48 -17.03 -35.03
N PHE A 43 8.91 -16.70 -33.81
CA PHE A 43 10.32 -16.48 -33.52
C PHE A 43 10.59 -16.72 -32.04
N GLN A 44 11.74 -17.32 -31.76
CA GLN A 44 12.13 -17.62 -30.40
C GLN A 44 13.64 -17.70 -30.29
N GLY A 45 14.20 -16.95 -29.35
CA GLY A 45 15.64 -16.96 -29.13
C GLY A 45 15.90 -16.74 -27.66
N GLY A 46 17.14 -16.95 -27.22
CA GLY A 46 17.43 -16.88 -25.81
C GLY A 46 18.90 -16.66 -25.47
N SER A 47 19.15 -16.53 -24.18
CA SER A 47 20.46 -16.19 -23.62
C SER A 47 21.21 -15.10 -24.38
N TYR A 48 20.54 -13.96 -24.57
CA TYR A 48 21.18 -12.77 -25.11
C TYR A 48 21.71 -11.92 -23.97
N GLN A 49 23.00 -11.66 -23.98
CA GLN A 49 23.57 -10.73 -23.01
C GLN A 49 23.55 -9.34 -23.60
N LEU A 50 22.96 -8.40 -22.87
CA LEU A 50 22.91 -7.00 -23.29
C LEU A 50 23.96 -6.21 -22.53
N ASN A 51 25.10 -5.99 -23.18
CA ASN A 51 26.22 -5.31 -22.53
C ASN A 51 26.50 -3.99 -23.23
N ASN A 52 25.52 -3.10 -23.21
CA ASN A 52 25.59 -1.83 -23.93
C ASN A 52 26.02 -2.01 -25.38
N LYS A 53 25.50 -3.07 -25.99
CA LYS A 53 25.72 -3.35 -27.40
C LYS A 53 24.51 -4.11 -27.93
N SER A 54 23.83 -3.52 -28.89
CA SER A 54 22.62 -4.11 -29.46
C SER A 54 22.91 -5.46 -30.12
N ILE A 55 21.88 -6.30 -30.19
CA ILE A 55 21.94 -7.55 -30.92
C ILE A 55 20.94 -7.45 -32.06
N ASP A 56 21.41 -7.71 -33.29
CA ASP A 56 20.56 -7.60 -34.47
C ASP A 56 19.90 -8.94 -34.76
N ILE A 57 18.58 -8.95 -34.80
CA ILE A 57 17.82 -10.18 -35.09
C ILE A 57 16.89 -9.96 -36.27
N SER A 58 17.20 -8.95 -37.08
CA SER A 58 16.39 -8.63 -38.26
C SER A 58 16.16 -9.84 -39.18
N SER A 59 17.20 -10.60 -39.46
CA SER A 59 17.10 -11.70 -40.44
C SER A 59 16.32 -12.88 -39.90
N LEU A 60 16.17 -12.93 -38.58
CA LEU A 60 15.41 -14.00 -37.96
C LEU A 60 13.92 -13.68 -37.82
N LEU A 61 13.58 -12.41 -37.65
CA LEU A 61 12.22 -12.02 -37.25
C LEU A 61 11.40 -11.26 -38.30
N LEU A 62 12.01 -10.27 -38.93
CA LEU A 62 11.27 -9.32 -39.78
C LEU A 62 10.40 -9.95 -40.85
N ASP A 63 10.91 -10.97 -41.54
CA ASP A 63 10.11 -11.60 -42.60
C ASP A 63 9.03 -12.56 -42.04
N LYS A 64 9.10 -12.85 -40.74
CA LYS A 64 8.13 -13.73 -40.08
C LYS A 64 6.89 -12.99 -39.54
N LEU A 65 7.02 -11.68 -39.40
CA LEU A 65 5.92 -10.85 -38.90
C LEU A 65 4.83 -10.69 -39.93
N SER A 66 3.58 -11.00 -39.56
CA SER A 66 2.46 -10.86 -40.48
C SER A 66 1.15 -10.65 -39.73
N GLY A 67 0.22 -9.96 -40.38
CA GLY A 67 -1.05 -9.62 -39.76
C GLY A 67 -0.91 -8.46 -38.80
N GLU A 68 -2.02 -8.05 -38.19
CA GLU A 68 -2.05 -6.79 -37.44
C GLU A 68 -2.00 -6.93 -35.92
N SER A 69 -1.97 -8.17 -35.44
CA SER A 69 -1.90 -8.42 -34.01
C SER A 69 -0.62 -9.19 -33.66
N GLN A 70 0.02 -8.83 -32.55
CA GLN A 70 1.24 -9.52 -32.13
C GLN A 70 1.34 -9.63 -30.61
N THR A 71 2.04 -10.66 -30.15
CA THR A 71 2.35 -10.77 -28.74
C THR A 71 3.85 -10.95 -28.59
N VAL A 72 4.44 -10.18 -27.66
CA VAL A 72 5.82 -10.37 -27.27
C VAL A 72 5.89 -10.97 -25.87
N VAL A 73 6.61 -12.07 -25.72
CA VAL A 73 6.87 -12.64 -24.42
C VAL A 73 8.37 -12.63 -24.19
N MET A 74 8.78 -11.97 -23.12
CA MET A 74 10.20 -11.72 -22.87
C MET A 74 10.52 -11.97 -21.41
N LYS A 75 11.47 -12.87 -21.17
CA LYS A 75 12.01 -13.08 -19.83
C LYS A 75 13.38 -12.44 -19.77
N PHE A 76 13.53 -11.46 -18.89
CA PHE A 76 14.74 -10.64 -18.88
C PHE A 76 15.21 -10.27 -17.47
N LYS A 77 16.50 -10.00 -17.36
CA LYS A 77 17.11 -9.54 -16.13
C LYS A 77 17.74 -8.17 -16.35
N ALA A 78 17.63 -7.31 -15.35
CA ALA A 78 18.34 -6.03 -15.36
C ALA A 78 18.55 -5.57 -13.93
N ASP A 79 19.70 -5.91 -13.36
CA ASP A 79 20.00 -5.51 -11.98
C ASP A 79 20.92 -4.30 -11.94
N LYS A 80 21.40 -3.88 -13.11
CA LYS A 80 22.16 -2.63 -13.18
C LYS A 80 21.74 -1.87 -14.43
N PRO A 81 20.45 -1.53 -14.56
CA PRO A 81 20.02 -0.87 -15.79
C PRO A 81 20.61 0.52 -15.96
N ASN A 82 20.71 0.96 -17.21
CA ASN A 82 20.93 2.37 -17.48
C ASN A 82 19.68 3.15 -17.11
N SER A 83 19.80 4.48 -17.10
CA SER A 83 18.71 5.36 -16.70
C SER A 83 17.46 5.12 -17.55
N LEU A 84 17.66 5.04 -18.85
CA LEU A 84 16.60 4.73 -19.80
C LEU A 84 17.17 3.78 -20.84
N GLN A 85 16.56 2.61 -21.01
CA GLN A 85 17.08 1.65 -21.98
C GLN A 85 16.00 0.86 -22.71
N ALA A 86 16.26 0.60 -23.99
CA ALA A 86 15.34 -0.21 -24.78
C ALA A 86 15.73 -1.68 -24.67
N LEU A 87 14.77 -2.54 -24.32
CA LEU A 87 14.99 -3.98 -24.36
C LEU A 87 14.79 -4.52 -25.78
N PHE A 88 13.80 -3.98 -26.47
CA PHE A 88 13.42 -4.48 -27.79
C PHE A 88 12.99 -3.33 -28.69
N GLY A 89 13.42 -3.37 -29.96
CA GLY A 89 13.04 -2.36 -30.92
C GLY A 89 12.71 -2.94 -32.28
N LEU A 90 11.69 -2.37 -32.92
CA LEU A 90 11.43 -2.56 -34.35
C LEU A 90 11.46 -1.17 -34.96
N SER A 91 12.41 -0.91 -35.85
CA SER A 91 12.57 0.46 -36.34
C SER A 91 12.78 0.56 -37.85
N ASN A 92 12.38 1.70 -38.40
CA ASN A 92 12.90 2.14 -39.68
C ASN A 92 14.22 2.82 -39.36
N SER A 93 15.33 2.19 -39.72
CA SER A 93 16.63 2.73 -39.36
C SER A 93 17.21 3.66 -40.43
N LYS A 94 16.41 3.98 -41.44
CA LYS A 94 16.87 4.80 -42.56
C LYS A 94 16.91 6.28 -42.20
N ALA A 95 17.91 6.98 -42.71
CA ALA A 95 18.01 8.42 -42.57
C ALA A 95 16.66 9.05 -42.90
N GLY A 96 16.23 10.00 -42.07
CA GLY A 96 14.98 10.68 -42.33
C GLY A 96 13.74 10.05 -41.72
N PHE A 97 13.91 8.94 -41.01
CA PHE A 97 12.76 8.26 -40.41
C PHE A 97 13.03 7.85 -38.96
N LYS A 98 13.67 8.75 -38.21
CA LYS A 98 14.11 8.43 -36.85
C LYS A 98 12.96 8.21 -35.86
N ASN A 99 11.78 8.71 -36.21
CA ASN A 99 10.60 8.57 -35.37
C ASN A 99 9.61 7.53 -35.88
N ASN A 100 10.14 6.53 -36.58
CA ASN A 100 9.33 5.41 -37.03
C ASN A 100 9.81 4.15 -36.36
N TYR A 101 9.31 3.89 -35.15
CA TYR A 101 9.72 2.70 -34.43
C TYR A 101 8.71 2.23 -33.36
N PHE A 102 8.88 0.97 -32.99
CA PHE A 102 8.25 0.39 -31.82
C PHE A 102 9.36 0.00 -30.85
N SER A 103 9.17 0.30 -29.57
CA SER A 103 10.14 -0.14 -28.58
C SER A 103 9.44 -0.68 -27.34
N ILE A 104 10.12 -1.58 -26.66
CA ILE A 104 9.81 -1.88 -25.27
C ILE A 104 10.98 -1.33 -24.46
N PHE A 105 10.67 -0.43 -23.52
CA PHE A 105 11.73 0.24 -22.75
C PHE A 105 11.50 0.17 -21.24
N MET A 106 12.58 0.39 -20.49
CA MET A 106 12.48 0.50 -19.04
C MET A 106 13.35 1.67 -18.56
N ARG A 107 13.05 2.14 -17.36
CA ARG A 107 13.84 3.17 -16.70
C ARG A 107 14.45 2.55 -15.45
N ASP A 108 15.52 3.15 -14.91
CA ASP A 108 16.12 2.61 -13.70
C ASP A 108 15.25 2.84 -12.46
N SER A 109 14.09 3.48 -12.65
CA SER A 109 13.08 3.61 -11.60
C SER A 109 12.21 2.37 -11.45
N GLY A 110 12.36 1.42 -12.37
CA GLY A 110 11.51 0.24 -12.41
C GLY A 110 10.29 0.39 -13.30
N GLU A 111 10.17 1.54 -13.96
CA GLU A 111 9.08 1.76 -14.91
C GLU A 111 9.29 0.93 -16.18
N ILE A 112 8.19 0.42 -16.73
CA ILE A 112 8.18 -0.29 -18.01
C ILE A 112 7.27 0.47 -18.99
N GLY A 113 7.61 0.43 -20.28
CA GLY A 113 6.78 1.10 -21.27
C GLY A 113 6.97 0.66 -22.72
N VAL A 114 6.10 1.15 -23.59
CA VAL A 114 6.28 0.99 -25.02
C VAL A 114 6.11 2.33 -25.74
N GLU A 115 6.83 2.48 -26.85
CA GLU A 115 6.50 3.52 -27.83
C GLU A 115 6.08 2.86 -29.13
N ILE A 116 5.07 3.44 -29.78
CA ILE A 116 4.63 3.00 -31.11
C ILE A 116 4.48 4.26 -31.97
N ARG A 117 5.40 4.44 -32.93
CA ARG A 117 5.50 5.71 -33.65
C ARG A 117 5.60 5.54 -35.17
N ASP A 118 4.90 6.39 -35.90
CA ASP A 118 4.99 6.44 -37.37
C ASP A 118 4.74 7.89 -37.81
N ALA A 119 5.77 8.55 -38.32
CA ALA A 119 5.68 9.97 -38.68
C ALA A 119 4.75 10.22 -39.86
N GLN A 120 4.64 9.24 -40.74
CA GLN A 120 3.77 9.38 -41.90
C GLN A 120 2.32 9.25 -41.50
N LYS A 121 2.04 8.36 -40.55
CA LYS A 121 0.67 8.20 -40.06
C LYS A 121 0.31 9.29 -39.06
N GLY A 122 1.32 10.00 -38.56
CA GLY A 122 1.11 11.02 -37.57
C GLY A 122 0.80 10.46 -36.19
N ILE A 123 1.31 9.26 -35.93
CA ILE A 123 1.01 8.54 -34.69
C ILE A 123 2.24 8.43 -33.79
N ASN A 124 2.09 8.83 -32.53
CA ASN A 124 3.15 8.74 -31.53
C ASN A 124 2.58 8.28 -30.19
N TYR A 125 2.44 6.97 -30.00
CA TYR A 125 1.87 6.45 -28.77
C TYR A 125 3.00 6.14 -27.78
N LEU A 126 2.77 6.50 -26.54
CA LEU A 126 3.70 6.20 -25.48
C LEU A 126 2.88 5.78 -24.25
N PHE A 127 3.01 4.51 -23.87
CA PHE A 127 2.28 3.99 -22.72
C PHE A 127 3.26 3.36 -21.75
N SER A 128 3.04 3.60 -20.46
CA SER A 128 3.97 3.09 -19.47
C SER A 128 3.33 3.04 -18.11
N ARG A 129 3.97 2.31 -17.20
CA ARG A 129 3.62 2.41 -15.79
C ARG A 129 4.86 2.32 -14.92
N PRO A 130 4.99 3.25 -13.98
CA PRO A 130 6.06 3.22 -12.97
C PRO A 130 6.02 1.92 -12.17
N ALA A 131 7.16 1.58 -11.58
CA ALA A 131 7.25 0.53 -10.55
C ALA A 131 6.65 -0.79 -10.99
N SER A 132 7.12 -1.30 -12.13
CA SER A 132 6.56 -2.53 -12.68
C SER A 132 7.52 -3.71 -12.60
N LEU A 133 8.74 -3.47 -12.15
CA LEU A 133 9.82 -4.44 -12.31
C LEU A 133 10.49 -4.81 -10.99
N TRP A 134 11.10 -5.99 -10.97
CA TRP A 134 12.06 -6.36 -9.92
C TRP A 134 13.48 -6.29 -10.49
N GLY A 135 14.45 -5.98 -9.63
CA GLY A 135 15.85 -5.98 -10.03
C GLY A 135 16.64 -7.16 -9.47
N LYS A 136 16.75 -7.21 -8.14
CA LYS A 136 17.42 -8.32 -7.43
C LYS A 136 16.59 -8.78 -6.24
N HIS A 137 16.80 -10.03 -5.86
CA HIS A 137 16.16 -10.64 -4.70
C HIS A 137 17.19 -11.59 -4.11
N LYS A 138 17.45 -11.43 -2.81
CA LYS A 138 18.52 -12.17 -2.15
C LYS A 138 19.84 -11.97 -2.88
N GLY A 139 20.02 -10.77 -3.44
CA GLY A 139 21.25 -10.43 -4.14
C GLY A 139 21.44 -11.00 -5.53
N GLN A 140 20.49 -11.83 -5.99
CA GLN A 140 20.57 -12.38 -7.35
C GLN A 140 19.59 -11.67 -8.28
N ALA A 141 20.00 -11.47 -9.53
CA ALA A 141 19.13 -10.80 -10.51
C ALA A 141 17.83 -11.56 -10.69
N VAL A 142 16.72 -10.83 -10.73
CA VAL A 142 15.39 -11.43 -10.88
C VAL A 142 15.04 -11.60 -12.36
N GLU A 143 14.52 -12.78 -12.71
CA GLU A 143 14.01 -12.96 -14.06
C GLU A 143 12.57 -12.42 -14.14
N ASN A 144 12.43 -11.24 -14.75
CA ASN A 144 11.11 -10.63 -14.99
C ASN A 144 10.43 -11.27 -16.18
N THR A 145 9.13 -11.56 -16.05
CA THR A 145 8.38 -12.09 -17.17
C THR A 145 7.44 -11.03 -17.76
N LEU A 146 7.77 -10.59 -18.96
CA LEU A 146 7.03 -9.52 -19.62
C LEU A 146 6.19 -10.07 -20.76
N VAL A 147 4.93 -9.65 -20.80
CA VAL A 147 4.02 -10.04 -21.88
C VAL A 147 3.36 -8.79 -22.44
N PHE A 148 3.58 -8.53 -23.72
CA PHE A 148 2.98 -7.37 -24.35
C PHE A 148 2.05 -7.81 -25.48
N VAL A 149 0.79 -7.43 -25.36
CA VAL A 149 -0.22 -7.81 -26.34
C VAL A 149 -0.66 -6.60 -27.17
N SER A 150 -0.43 -6.67 -28.48
CA SER A 150 -0.89 -5.68 -29.45
C SER A 150 -2.06 -6.26 -30.24
N ASP A 151 -3.27 -5.85 -29.87
CA ASP A 151 -4.50 -6.47 -30.35
C ASP A 151 -5.25 -5.55 -31.32
N SER A 152 -5.23 -5.88 -32.61
CA SER A 152 -5.85 -5.03 -33.61
C SER A 152 -7.38 -5.06 -33.56
N LYS A 153 -7.95 -6.20 -33.17
CA LYS A 153 -9.41 -6.32 -33.14
C LYS A 153 -9.97 -5.42 -32.06
N ASP A 154 -9.30 -5.43 -30.92
CA ASP A 154 -9.68 -4.63 -29.78
C ASP A 154 -9.17 -3.20 -29.90
N LYS A 155 -8.19 -2.98 -30.78
CA LYS A 155 -7.43 -1.72 -30.81
C LYS A 155 -6.79 -1.43 -29.45
N THR A 156 -6.26 -2.46 -28.81
CA THR A 156 -5.74 -2.29 -27.46
C THR A 156 -4.31 -2.80 -27.30
N TYR A 157 -3.50 -2.07 -26.52
CA TYR A 157 -2.14 -2.47 -26.20
C TYR A 157 -2.13 -2.79 -24.71
N THR A 158 -1.71 -4.00 -24.37
CA THR A 158 -1.77 -4.42 -22.97
C THR A 158 -0.44 -4.99 -22.55
N MET A 159 0.02 -4.57 -21.36
CA MET A 159 1.31 -5.00 -20.83
C MET A 159 1.12 -5.69 -19.50
N TYR A 160 1.75 -6.85 -19.37
CA TYR A 160 1.81 -7.56 -18.12
C TYR A 160 3.27 -7.71 -17.75
N VAL A 161 3.59 -7.54 -16.47
CA VAL A 161 4.92 -7.92 -15.99
C VAL A 161 4.81 -8.73 -14.73
N ASN A 162 5.44 -9.90 -14.75
CA ASN A 162 5.41 -10.80 -13.60
C ASN A 162 4.00 -11.19 -13.20
N GLY A 163 3.14 -11.36 -14.21
CA GLY A 163 1.80 -11.86 -13.98
C GLY A 163 0.83 -10.76 -13.61
N ILE A 164 1.31 -9.52 -13.63
CA ILE A 164 0.48 -8.38 -13.28
C ILE A 164 0.26 -7.48 -14.49
N GLU A 165 -1.01 -7.24 -14.82
CA GLU A 165 -1.32 -6.24 -15.83
C GLU A 165 -0.98 -4.84 -15.29
N VAL A 166 -0.13 -4.12 -16.03
CA VAL A 166 0.32 -2.81 -15.55
C VAL A 166 -0.25 -1.67 -16.39
N PHE A 167 -0.61 -1.96 -17.63
CA PHE A 167 -1.46 -1.05 -18.41
C PHE A 167 -2.22 -1.76 -19.51
N SER A 168 -3.33 -1.14 -19.89
CA SER A 168 -4.17 -1.60 -20.99
C SER A 168 -4.76 -0.36 -21.63
N GLU A 169 -4.29 -0.04 -22.83
CA GLU A 169 -4.65 1.21 -23.49
C GLU A 169 -5.36 0.99 -24.82
N THR A 170 -6.57 1.51 -24.91
CA THR A 170 -7.36 1.42 -26.12
C THR A 170 -7.16 2.71 -26.89
N VAL A 171 -6.97 2.59 -28.21
CA VAL A 171 -6.71 3.77 -29.03
C VAL A 171 -7.75 3.90 -30.13
N ASP A 172 -7.96 5.12 -30.60
CA ASP A 172 -8.92 5.37 -31.68
C ASP A 172 -8.37 4.82 -32.98
N THR A 173 -7.14 5.21 -33.31
CA THR A 173 -6.49 4.76 -34.53
C THR A 173 -5.38 3.76 -34.22
N PHE A 174 -5.66 2.48 -34.45
CA PHE A 174 -4.71 1.43 -34.11
C PHE A 174 -3.48 1.45 -35.01
N LEU A 175 -2.32 1.24 -34.40
CA LEU A 175 -1.07 1.09 -35.14
C LEU A 175 -0.44 -0.28 -34.86
N PRO A 176 -0.65 -1.25 -35.77
CA PRO A 176 -0.04 -2.58 -35.63
C PRO A 176 1.48 -2.41 -35.60
N ILE A 177 2.18 -3.12 -34.73
CA ILE A 177 3.60 -2.82 -34.51
C ILE A 177 4.45 -3.07 -35.73
N SER A 178 3.95 -3.89 -36.66
CA SER A 178 4.69 -4.21 -37.87
C SER A 178 4.20 -3.41 -39.08
N ASN A 179 3.25 -2.51 -38.87
CA ASN A 179 2.76 -1.65 -39.95
C ASN A 179 3.45 -0.31 -40.01
N ILE A 180 4.43 -0.11 -39.14
CA ILE A 180 5.20 1.13 -39.15
C ILE A 180 5.94 1.25 -40.49
N ASN A 181 5.77 2.40 -41.14
CA ASN A 181 6.33 2.65 -42.45
CA ASN A 181 6.33 2.63 -42.46
C ASN A 181 7.85 2.42 -42.51
N GLY A 182 8.26 1.47 -43.36
CA GLY A 182 9.67 1.21 -43.61
C GLY A 182 10.50 0.53 -42.54
N ILE A 183 9.89 -0.25 -41.65
CA ILE A 183 10.66 -0.97 -40.65
C ILE A 183 11.70 -1.85 -41.34
N ASP A 184 12.96 -1.77 -40.91
CA ASP A 184 13.99 -2.63 -41.49
C ASP A 184 14.95 -3.23 -40.46
N LYS A 185 14.73 -2.96 -39.19
CA LYS A 185 15.58 -3.54 -38.14
C LYS A 185 14.74 -4.12 -37.00
N ALA A 186 15.11 -5.32 -36.57
CA ALA A 186 14.66 -5.84 -35.29
C ALA A 186 15.88 -5.91 -34.39
N THR A 187 15.76 -5.33 -33.19
CA THR A 187 16.91 -5.14 -32.33
C THR A 187 16.62 -5.50 -30.88
N LEU A 188 17.57 -6.15 -30.22
CA LEU A 188 17.52 -6.32 -28.78
C LEU A 188 18.54 -5.42 -28.10
N GLY A 189 18.11 -4.71 -27.06
CA GLY A 189 19.03 -3.94 -26.24
C GLY A 189 19.35 -2.54 -26.75
N ALA A 190 18.58 -2.09 -27.74
CA ALA A 190 18.68 -0.73 -28.26
C ALA A 190 17.57 -0.49 -29.26
N VAL A 191 17.43 0.76 -29.72
CA VAL A 191 16.66 1.03 -30.93
C VAL A 191 17.59 1.60 -32.00
N ASN A 192 17.61 0.97 -33.17
CA ASN A 192 18.42 1.45 -34.28
C ASN A 192 17.69 2.58 -34.99
N ARG A 193 18.14 3.82 -34.74
CA ARG A 193 17.59 4.99 -35.42
C ARG A 193 18.67 5.62 -36.28
N GLU A 194 18.36 5.82 -37.56
CA GLU A 194 19.30 6.40 -38.53
C GLU A 194 20.67 5.75 -38.47
N GLY A 195 20.67 4.43 -38.30
CA GLY A 195 21.90 3.66 -38.31
C GLY A 195 22.68 3.61 -37.01
N LYS A 196 22.19 4.28 -35.97
CA LYS A 196 22.89 4.27 -34.68
C LYS A 196 22.10 3.62 -33.54
N GLU A 197 22.82 3.09 -32.55
CA GLU A 197 22.21 2.44 -31.39
C GLU A 197 21.74 3.44 -30.35
N HIS A 198 20.43 3.65 -30.24
CA HIS A 198 19.91 4.53 -29.20
C HIS A 198 19.38 3.74 -28.00
N TYR A 199 19.42 4.37 -26.83
CA TYR A 199 18.90 3.79 -25.58
C TYR A 199 19.48 2.43 -25.29
N LEU A 200 20.81 2.33 -25.36
CA LEU A 200 21.53 1.07 -25.11
C LEU A 200 21.18 0.45 -23.75
N ALA A 201 20.98 -0.86 -23.75
CA ALA A 201 20.60 -1.55 -22.53
C ALA A 201 21.75 -2.29 -21.87
N LYS A 202 21.71 -2.34 -20.55
CA LYS A 202 22.54 -3.24 -19.80
C LYS A 202 21.62 -4.24 -19.12
N GLY A 203 21.85 -5.52 -19.38
CA GLY A 203 21.03 -6.58 -18.79
C GLY A 203 21.13 -7.84 -19.62
N SER A 204 20.10 -8.66 -19.57
CA SER A 204 20.06 -9.87 -20.36
C SER A 204 18.63 -10.26 -20.69
N ILE A 205 18.45 -10.95 -21.82
CA ILE A 205 17.17 -11.55 -22.17
C ILE A 205 17.35 -13.06 -22.24
N ASP A 206 16.88 -13.76 -21.22
CA ASP A 206 16.99 -15.21 -21.18
CA ASP A 206 17.01 -15.20 -21.17
C ASP A 206 16.16 -15.88 -22.26
N GLU A 207 14.96 -15.34 -22.49
CA GLU A 207 14.03 -15.90 -23.47
C GLU A 207 13.20 -14.81 -24.12
N ILE A 208 13.05 -14.88 -25.44
CA ILE A 208 12.13 -13.99 -26.13
C ILE A 208 11.35 -14.73 -27.23
N SER A 209 10.03 -14.61 -27.19
CA SER A 209 9.15 -15.22 -28.18
C SER A 209 8.17 -14.20 -28.74
N LEU A 210 7.89 -14.31 -30.03
CA LEU A 210 6.88 -13.50 -30.67
C LEU A 210 5.82 -14.37 -31.35
N PHE A 211 4.58 -13.91 -31.30
CA PHE A 211 3.45 -14.61 -31.86
C PHE A 211 2.68 -13.66 -32.77
N ASN A 212 2.25 -14.15 -33.94
CA ASN A 212 1.38 -13.38 -34.81
C ASN A 212 -0.07 -13.53 -34.39
N LYS A 213 -0.33 -13.23 -33.12
CA LYS A 213 -1.66 -13.27 -32.58
C LYS A 213 -1.67 -12.46 -31.29
N ALA A 214 -2.81 -11.89 -30.95
CA ALA A 214 -3.03 -11.33 -29.62
C ALA A 214 -3.54 -12.43 -28.70
N ILE A 215 -2.68 -12.97 -27.85
CA ILE A 215 -3.12 -14.08 -27.01
C ILE A 215 -4.12 -13.59 -25.95
N SER A 216 -5.10 -14.43 -25.66
CA SER A 216 -6.18 -14.08 -24.73
C SER A 216 -5.67 -13.99 -23.29
N ASP A 217 -6.47 -13.37 -22.43
CA ASP A 217 -6.13 -13.24 -21.01
C ASP A 217 -5.88 -14.59 -20.36
N GLN A 218 -6.66 -15.59 -20.77
CA GLN A 218 -6.52 -16.95 -20.25
C GLN A 218 -5.16 -17.51 -20.61
N GLU A 219 -4.74 -17.26 -21.84
CA GLU A 219 -3.46 -17.77 -22.30
C GLU A 219 -2.31 -17.07 -21.58
N VAL A 220 -2.42 -15.76 -21.41
CA VAL A 220 -1.43 -15.00 -20.65
C VAL A 220 -1.25 -15.60 -19.25
N SER A 221 -2.37 -15.93 -18.61
CA SER A 221 -2.31 -16.48 -17.26
C SER A 221 -1.60 -17.83 -17.17
N THR A 222 -1.45 -18.52 -18.31
CA THR A 222 -0.79 -19.83 -18.32
C THR A 222 0.73 -19.74 -18.49
N ILE A 223 1.22 -18.57 -18.87
CA ILE A 223 2.67 -18.40 -19.03
C ILE A 223 3.38 -18.51 -17.67
N PRO A 224 4.39 -19.40 -17.58
CA PRO A 224 5.11 -19.62 -16.32
C PRO A 224 5.84 -18.38 -15.82
N LEU A 225 5.88 -18.21 -14.50
CA LEU A 225 6.55 -17.07 -13.90
C LEU A 225 7.72 -17.50 -13.03
N SER A 226 8.61 -16.57 -12.73
CA SER A 226 9.67 -16.83 -11.77
C SER A 226 9.66 -15.74 -10.71
N ASN A 227 8.51 -15.52 -10.08
CA ASN A 227 8.35 -14.34 -9.23
C ASN A 227 9.07 -14.47 -7.89
N PRO A 228 9.78 -13.40 -7.46
CA PRO A 228 10.39 -13.45 -6.13
C PRO A 228 9.40 -13.08 -5.04
N PHE A 229 8.18 -12.71 -5.42
CA PHE A 229 7.20 -12.17 -4.49
C PHE A 229 5.87 -12.90 -4.59
N GLN A 230 5.00 -12.65 -3.62
CA GLN A 230 3.63 -13.14 -3.62
C GLN A 230 2.70 -11.95 -3.44
N LEU A 231 1.42 -12.15 -3.77
CA LEU A 231 0.39 -11.18 -3.43
C LEU A 231 -0.53 -11.76 -2.35
N ILE A 232 -0.83 -10.94 -1.34
CA ILE A 232 -1.77 -11.31 -0.31
C ILE A 232 -3.11 -10.66 -0.65
N PHE A 233 -3.07 -9.35 -0.87
CA PHE A 233 -4.21 -8.60 -1.33
C PHE A 233 -3.93 -8.22 -2.78
N GLN A 234 -4.94 -8.29 -3.63
CA GLN A 234 -4.73 -7.97 -5.03
C GLN A 234 -6.01 -7.55 -5.76
N SER A 235 -5.84 -6.80 -6.84
CA SER A 235 -6.97 -6.32 -7.63
C SER A 235 -7.84 -7.50 -8.05
N GLY A 236 -9.15 -7.35 -7.89
CA GLY A 236 -10.07 -8.40 -8.27
C GLY A 236 -10.39 -9.39 -7.15
N ASP A 237 -9.70 -9.27 -6.02
CA ASP A 237 -10.01 -10.19 -4.92
C ASP A 237 -11.34 -9.83 -4.23
N SER A 238 -11.61 -10.45 -3.10
CA SER A 238 -12.89 -10.25 -2.43
C SER A 238 -13.15 -8.82 -1.91
N THR A 239 -12.12 -8.00 -1.80
CA THR A 239 -12.33 -6.63 -1.32
C THR A 239 -12.93 -5.77 -2.42
N GLN A 240 -12.65 -6.15 -3.66
CA GLN A 240 -13.02 -5.35 -4.83
C GLN A 240 -12.40 -3.94 -4.84
N ALA A 241 -11.41 -3.70 -3.98
CA ALA A 241 -10.55 -2.52 -4.13
C ALA A 241 -9.50 -2.76 -5.20
N ASN A 242 -9.28 -1.75 -6.05
CA ASN A 242 -8.24 -1.86 -7.07
C ASN A 242 -6.87 -1.46 -6.54
N TYR A 243 -6.84 -0.85 -5.36
CA TYR A 243 -5.60 -0.33 -4.76
C TYR A 243 -5.44 -0.76 -3.30
N PHE A 244 -4.20 -0.74 -2.81
CA PHE A 244 -3.90 -1.12 -1.44
C PHE A 244 -2.72 -0.32 -0.92
N ARG A 245 -2.80 0.10 0.33
CA ARG A 245 -1.68 0.76 0.99
C ARG A 245 -1.61 0.35 2.47
N ILE A 246 -0.50 0.69 3.12
CA ILE A 246 -0.36 0.58 4.58
C ILE A 246 -0.49 -0.86 5.08
N PRO A 247 0.46 -1.73 4.72
CA PRO A 247 0.42 -3.14 5.13
C PRO A 247 0.82 -3.35 6.58
N THR A 248 0.23 -4.38 7.20
CA THR A 248 0.69 -4.85 8.51
C THR A 248 0.88 -6.36 8.50
N LEU A 249 1.71 -6.84 9.42
CA LEU A 249 1.93 -8.26 9.64
C LEU A 249 2.07 -8.52 11.14
N TYR A 250 1.54 -9.65 11.60
CA TYR A 250 1.69 -10.04 12.99
C TYR A 250 1.58 -11.58 13.10
N THR A 251 2.57 -12.19 13.75
CA THR A 251 2.56 -13.63 13.98
C THR A 251 1.81 -13.99 15.28
N LEU A 252 0.74 -14.77 15.15
CA LEU A 252 -0.06 -15.18 16.31
C LEU A 252 0.52 -16.43 16.99
N SER A 253 0.23 -16.61 18.29
CA SER A 253 0.78 -17.73 19.06
C SER A 253 0.42 -19.12 18.49
N SER A 254 -0.67 -19.21 17.75
CA SER A 254 -1.06 -20.48 17.12
C SER A 254 -0.13 -20.87 15.97
N GLY A 255 0.64 -19.92 15.45
CA GLY A 255 1.45 -20.15 14.27
C GLY A 255 0.86 -19.47 13.04
N ARG A 256 -0.39 -19.05 13.15
CA ARG A 256 -1.06 -18.33 12.08
C ARG A 256 -0.43 -16.95 11.96
N VAL A 257 -0.20 -16.50 10.72
CA VAL A 257 0.32 -15.16 10.49
C VAL A 257 -0.81 -14.30 9.92
N LEU A 258 -0.99 -13.12 10.48
CA LEU A 258 -2.11 -12.29 10.09
C LEU A 258 -1.62 -10.97 9.48
N SER A 259 -2.33 -10.47 8.47
CA SER A 259 -2.00 -9.23 7.79
C SER A 259 -3.25 -8.37 7.72
N SER A 260 -3.09 -7.04 7.89
CA SER A 260 -4.16 -6.10 7.61
C SER A 260 -3.65 -5.03 6.64
N ILE A 261 -4.56 -4.22 6.11
CA ILE A 261 -4.22 -3.34 5.00
C ILE A 261 -5.37 -2.38 4.77
N ASP A 262 -5.02 -1.23 4.19
CA ASP A 262 -6.01 -0.29 3.65
C ASP A 262 -6.43 -0.84 2.32
N ALA A 263 -7.71 -1.18 2.16
CA ALA A 263 -8.25 -1.46 0.84
C ALA A 263 -8.78 -0.16 0.29
N ARG A 264 -8.06 0.44 -0.67
CA ARG A 264 -8.40 1.78 -1.13
C ARG A 264 -9.08 1.74 -2.50
N TYR A 265 -10.30 2.25 -2.54
CA TYR A 265 -11.15 2.17 -3.71
C TYR A 265 -10.91 3.33 -4.68
N GLY A 266 -10.77 4.54 -4.15
CA GLY A 266 -10.69 5.70 -5.02
C GLY A 266 -9.24 6.04 -5.31
N GLY A 267 -8.56 5.15 -6.03
CA GLY A 267 -7.13 5.31 -6.23
C GLY A 267 -6.35 5.11 -4.94
N THR A 268 -5.08 5.51 -4.93
CA THR A 268 -4.26 5.30 -3.74
C THR A 268 -4.31 6.45 -2.74
N HIS A 269 -5.19 7.44 -2.99
CA HIS A 269 -5.31 8.60 -2.12
C HIS A 269 -5.60 8.26 -0.66
N ASP A 270 -4.91 8.95 0.26
CA ASP A 270 -5.34 9.00 1.65
C ASP A 270 -6.78 9.53 1.71
N SER A 271 -7.47 9.28 2.82
CA SER A 271 -8.74 9.95 3.11
C SER A 271 -8.58 11.48 2.98
N LYS A 272 -9.58 12.19 2.50
CA LYS A 272 -10.92 11.66 2.18
C LYS A 272 -10.96 10.72 0.98
N SER A 273 -11.72 9.63 1.10
CA SER A 273 -11.81 8.63 0.04
C SER A 273 -12.79 7.56 0.48
N LYS A 274 -12.89 6.47 -0.28
CA LYS A 274 -13.46 5.25 0.27
C LYS A 274 -12.33 4.26 0.54
N ILE A 275 -12.18 3.88 1.80
CA ILE A 275 -11.19 2.90 2.20
C ILE A 275 -11.79 2.03 3.30
N ASN A 276 -11.58 0.72 3.20
CA ASN A 276 -11.95 -0.23 4.24
C ASN A 276 -10.68 -0.89 4.79
N ILE A 277 -10.76 -1.48 5.97
CA ILE A 277 -9.64 -2.29 6.46
C ILE A 277 -9.90 -3.74 6.15
N ALA A 278 -8.98 -4.38 5.42
CA ALA A 278 -9.13 -5.80 5.11
C ALA A 278 -8.05 -6.62 5.80
N THR A 279 -8.34 -7.90 6.01
CA THR A 279 -7.38 -8.82 6.61
C THR A 279 -7.34 -10.15 5.87
N SER A 280 -6.20 -10.83 6.01
CA SER A 280 -5.95 -12.15 5.43
C SER A 280 -4.96 -12.81 6.35
N TYR A 281 -4.98 -14.14 6.39
CA TYR A 281 -4.03 -14.86 7.22
C TYR A 281 -3.42 -16.08 6.50
N SER A 282 -2.28 -16.53 6.99
CA SER A 282 -1.60 -17.71 6.45
C SER A 282 -1.36 -18.71 7.56
N ASP A 283 -1.65 -19.99 7.29
CA ASP A 283 -1.40 -21.04 8.26
C ASP A 283 -0.20 -21.90 7.89
N ASP A 284 0.49 -21.53 6.83
CA ASP A 284 1.66 -22.30 6.38
C ASP A 284 2.92 -21.44 6.25
N ASN A 285 3.17 -20.59 7.24
CA ASN A 285 4.38 -19.77 7.27
C ASN A 285 4.49 -18.83 6.07
N GLY A 286 3.33 -18.39 5.57
CA GLY A 286 3.27 -17.35 4.54
C GLY A 286 3.26 -17.86 3.11
N LYS A 287 3.23 -19.18 2.93
CA LYS A 287 3.22 -19.74 1.58
C LYS A 287 1.91 -19.46 0.86
N THR A 288 0.79 -19.52 1.60
CA THR A 288 -0.52 -19.20 1.04
C THR A 288 -1.33 -18.39 2.02
N TRP A 289 -2.31 -17.67 1.50
CA TRP A 289 -3.05 -16.69 2.28
C TRP A 289 -4.52 -16.87 1.99
N SER A 290 -5.36 -16.64 3.00
CA SER A 290 -6.80 -16.75 2.85
C SER A 290 -7.35 -15.61 2.00
N GLU A 291 -8.52 -15.84 1.42
CA GLU A 291 -9.25 -14.75 0.76
C GLU A 291 -9.55 -13.68 1.79
N PRO A 292 -9.27 -12.41 1.46
CA PRO A 292 -9.45 -11.33 2.44
C PRO A 292 -10.89 -11.24 2.93
N ILE A 293 -11.07 -10.76 4.16
CA ILE A 293 -12.37 -10.34 4.66
C ILE A 293 -12.16 -8.93 5.19
N PHE A 294 -13.24 -8.23 5.55
CA PHE A 294 -13.10 -6.91 6.14
C PHE A 294 -13.08 -6.97 7.66
N ALA A 295 -12.19 -6.19 8.27
CA ALA A 295 -12.19 -5.99 9.72
C ALA A 295 -12.98 -4.74 10.12
N MET A 296 -12.96 -3.73 9.24
CA MET A 296 -13.76 -2.50 9.39
C MET A 296 -14.20 -2.03 8.01
N LYS A 297 -15.49 -1.74 7.88
CA LYS A 297 -16.02 -1.36 6.58
C LYS A 297 -17.24 -0.44 6.71
N PHE A 298 -17.42 0.44 5.73
CA PHE A 298 -18.61 1.26 5.63
C PHE A 298 -19.29 0.90 4.31
N ASN A 299 -20.61 1.10 4.24
CA ASN A 299 -21.34 0.75 3.02
C ASN A 299 -22.08 1.93 2.37
N ASP A 300 -21.77 3.14 2.82
CA ASP A 300 -22.35 4.34 2.22
C ASP A 300 -22.00 4.49 0.73
N TYR A 301 -20.84 3.97 0.34
CA TYR A 301 -20.48 3.88 -1.08
C TYR A 301 -20.23 2.42 -1.45
N GLU A 302 -20.59 2.06 -2.68
CA GLU A 302 -20.33 0.74 -3.23
C GLU A 302 -18.83 0.38 -3.22
N GLU A 303 -18.54 -0.88 -2.97
CA GLU A 303 -17.21 -1.42 -3.20
C GLU A 303 -16.97 -1.61 -4.70
N GLN A 304 -16.38 -0.60 -5.34
CA GLN A 304 -16.16 -0.65 -6.78
C GLN A 304 -14.69 -0.81 -7.11
N LEU A 305 -14.41 -1.76 -8.00
CA LEU A 305 -13.08 -1.88 -8.57
C LEU A 305 -13.00 -0.88 -9.73
N VAL A 306 -12.27 0.21 -9.52
CA VAL A 306 -12.22 1.28 -10.51
C VAL A 306 -10.79 1.54 -10.96
N TYR A 307 -10.60 1.70 -12.26
CA TYR A 307 -9.31 2.14 -12.77
C TYR A 307 -9.20 3.65 -12.62
N TRP A 308 -8.50 4.10 -11.58
CA TRP A 308 -8.40 5.53 -11.32
C TRP A 308 -7.49 6.22 -12.34
N PRO A 309 -7.95 7.33 -12.91
CA PRO A 309 -7.18 8.02 -13.96
C PRO A 309 -5.81 8.46 -13.46
N ARG A 310 -4.80 8.35 -14.32
CA ARG A 310 -3.42 8.66 -13.95
C ARG A 310 -2.87 9.89 -14.69
N ASP A 311 -3.67 10.50 -15.56
CA ASP A 311 -3.25 11.70 -16.29
C ASP A 311 -3.23 12.93 -15.37
N ASN A 312 -2.50 13.97 -15.77
CA ASN A 312 -2.33 15.13 -14.89
C ASN A 312 -3.59 15.94 -14.60
N LYS A 313 -4.54 15.97 -15.52
CA LYS A 313 -5.77 16.69 -15.27
C LYS A 313 -6.66 16.00 -14.22
N LEU A 314 -6.70 14.67 -14.23
CA LEU A 314 -7.67 13.93 -13.43
C LEU A 314 -7.14 13.16 -12.21
N LYS A 315 -5.83 12.96 -12.10
CA LYS A 315 -5.29 12.05 -11.09
C LYS A 315 -5.60 12.43 -9.64
N ASN A 316 -5.78 13.72 -9.36
CA ASN A 316 -6.10 14.16 -8.00
C ASN A 316 -7.59 14.06 -7.66
N SER A 317 -8.39 13.57 -8.61
CA SER A 317 -9.77 13.24 -8.32
C SER A 317 -9.83 12.36 -7.08
N GLN A 318 -10.78 12.63 -6.21
CA GLN A 318 -10.81 12.02 -4.90
C GLN A 318 -12.25 11.84 -4.47
N ILE A 319 -12.63 10.61 -4.12
CA ILE A 319 -13.97 10.37 -3.61
C ILE A 319 -14.19 11.28 -2.38
N SER A 320 -15.18 12.16 -2.47
CA SER A 320 -15.32 13.22 -1.48
C SER A 320 -16.51 13.13 -0.54
N GLY A 321 -17.39 12.14 -0.74
CA GLY A 321 -18.57 12.00 0.07
C GLY A 321 -18.64 10.71 0.88
N SER A 322 -17.57 9.93 0.86
CA SER A 322 -17.54 8.65 1.54
C SER A 322 -16.86 8.69 2.89
N ALA A 323 -17.39 7.90 3.83
CA ALA A 323 -16.70 7.65 5.08
C ALA A 323 -15.61 6.62 4.82
N SER A 324 -14.63 6.53 5.70
CA SER A 324 -13.52 5.62 5.45
C SER A 324 -12.78 5.24 6.72
N PHE A 325 -12.01 4.16 6.64
CA PHE A 325 -11.05 3.78 7.67
C PHE A 325 -9.65 3.93 7.06
N ILE A 326 -8.63 4.12 7.90
CA ILE A 326 -7.28 4.31 7.38
C ILE A 326 -6.24 4.10 8.48
N ASP A 327 -5.14 3.43 8.13
CA ASP A 327 -4.01 3.14 9.03
C ASP A 327 -4.39 2.15 10.13
N SER A 328 -4.24 0.86 9.86
CA SER A 328 -4.55 -0.15 10.88
C SER A 328 -3.30 -0.66 11.61
N SER A 329 -3.53 -1.24 12.78
CA SER A 329 -2.46 -1.79 13.60
C SER A 329 -3.02 -3.00 14.35
N ILE A 330 -2.20 -4.03 14.54
CA ILE A 330 -2.67 -5.29 15.13
C ILE A 330 -1.79 -5.70 16.31
N VAL A 331 -2.40 -6.29 17.32
CA VAL A 331 -1.67 -6.98 18.38
C VAL A 331 -2.44 -8.23 18.83
N GLU A 332 -1.75 -9.18 19.45
CA GLU A 332 -2.45 -10.31 20.06
C GLU A 332 -2.39 -10.24 21.58
N ASP A 333 -3.51 -10.51 22.24
CA ASP A 333 -3.52 -10.51 23.70
C ASP A 333 -3.40 -11.93 24.24
N LYS A 334 -2.27 -12.21 24.88
CA LYS A 334 -1.97 -13.53 25.46
C LYS A 334 -3.03 -13.97 26.45
N LYS A 335 -3.41 -13.06 27.33
CA LYS A 335 -4.36 -13.35 28.40
C LYS A 335 -5.71 -13.81 27.87
N SER A 336 -6.36 -12.97 27.07
CA SER A 336 -7.69 -13.29 26.53
C SER A 336 -7.65 -14.23 25.32
N GLY A 337 -6.53 -14.27 24.62
CA GLY A 337 -6.47 -14.98 23.34
C GLY A 337 -6.98 -14.14 22.15
N LYS A 338 -7.51 -12.96 22.44
CA LYS A 338 -8.05 -12.10 21.40
C LYS A 338 -6.99 -11.48 20.51
N THR A 339 -7.33 -11.30 19.25
CA THR A 339 -6.56 -10.46 18.36
C THR A 339 -7.27 -9.11 18.36
N ILE A 340 -6.48 -8.04 18.50
CA ILE A 340 -7.04 -6.70 18.57
C ILE A 340 -6.51 -5.86 17.41
N LEU A 341 -7.41 -5.16 16.72
CA LEU A 341 -7.04 -4.33 15.59
C LEU A 341 -7.67 -2.96 15.75
N LEU A 342 -6.82 -1.93 15.63
CA LEU A 342 -7.26 -0.54 15.70
C LEU A 342 -7.07 0.12 14.33
N ALA A 343 -7.86 1.14 14.05
CA ALA A 343 -7.69 1.95 12.82
C ALA A 343 -8.26 3.34 13.06
N ASP A 344 -7.81 4.31 12.27
CA ASP A 344 -8.47 5.62 12.26
C ASP A 344 -9.82 5.52 11.54
N VAL A 345 -10.79 6.29 12.00
CA VAL A 345 -12.08 6.38 11.33
C VAL A 345 -12.31 7.82 10.88
N MET A 346 -12.78 7.96 9.64
CA MET A 346 -13.09 9.26 9.05
C MET A 346 -14.55 9.29 8.61
N PRO A 347 -15.33 10.24 9.12
CA PRO A 347 -16.70 10.39 8.62
C PRO A 347 -16.68 10.86 7.17
N ALA A 348 -17.84 10.81 6.53
CA ALA A 348 -18.01 11.17 5.12
C ALA A 348 -17.29 12.48 4.77
N GLY A 349 -16.46 12.41 3.74
CA GLY A 349 -15.76 13.58 3.23
C GLY A 349 -14.57 14.05 4.05
N ILE A 350 -14.24 13.34 5.13
CA ILE A 350 -13.18 13.82 6.01
C ILE A 350 -11.86 13.07 5.83
N GLY A 351 -10.75 13.81 5.92
CA GLY A 351 -9.42 13.25 5.97
C GLY A 351 -8.62 14.12 6.92
N ASN A 352 -7.30 13.91 6.99
CA ASN A 352 -6.45 14.74 7.84
C ASN A 352 -6.59 16.23 7.53
N ASN A 353 -6.62 16.55 6.23
CA ASN A 353 -6.73 17.91 5.72
C ASN A 353 -7.81 18.74 6.43
N ASN A 354 -9.04 18.29 6.31
CA ASN A 354 -10.20 19.07 6.73
C ASN A 354 -10.81 18.65 8.06
N ALA A 355 -10.19 17.70 8.75
CA ALA A 355 -10.68 17.24 10.05
C ALA A 355 -10.78 18.39 11.05
N ASN A 356 -11.92 18.48 11.74
CA ASN A 356 -12.11 19.48 12.79
C ASN A 356 -11.05 19.28 13.87
N LYS A 357 -9.96 20.01 13.76
CA LYS A 357 -9.01 20.12 14.86
C LYS A 357 -9.76 20.93 15.91
N ALA A 358 -9.39 20.74 17.18
CA ALA A 358 -10.04 21.44 18.30
C ALA A 358 -11.41 20.88 18.69
N ASP A 359 -11.74 19.66 18.25
CA ASP A 359 -12.94 18.98 18.74
C ASP A 359 -12.73 17.47 18.69
N SER A 360 -12.96 16.79 19.81
CA SER A 360 -12.85 15.34 19.88
C SER A 360 -14.03 14.61 19.26
N GLY A 361 -15.15 15.32 19.12
CA GLY A 361 -16.38 14.69 18.71
C GLY A 361 -17.17 14.19 19.91
N PHE A 362 -16.61 14.33 21.09
CA PHE A 362 -17.26 13.84 22.32
C PHE A 362 -17.58 14.96 23.29
N LYS A 363 -18.64 14.76 24.08
CA LYS A 363 -18.98 15.71 25.13
C LYS A 363 -18.78 15.04 26.49
N GLU A 364 -17.98 15.66 27.35
CA GLU A 364 -17.75 15.11 28.68
C GLU A 364 -18.90 15.54 29.60
N ILE A 365 -19.56 14.56 30.20
CA ILE A 365 -20.63 14.86 31.16
C ILE A 365 -20.40 14.08 32.44
N ASN A 366 -20.15 14.82 33.52
CA ASN A 366 -19.69 14.29 34.80
C ASN A 366 -18.78 13.05 34.76
N GLY A 367 -17.61 13.21 34.13
CA GLY A 367 -16.61 12.16 34.13
C GLY A 367 -16.73 11.12 33.03
N HIS A 368 -17.69 11.29 32.12
CA HIS A 368 -17.88 10.32 31.03
C HIS A 368 -17.96 11.01 29.66
N TYR A 369 -17.39 10.36 28.64
CA TYR A 369 -17.42 10.92 27.30
C TYR A 369 -18.55 10.32 26.46
N TYR A 370 -19.40 11.19 25.90
CA TYR A 370 -20.51 10.76 25.08
C TYR A 370 -20.36 11.29 23.65
N LEU A 371 -20.64 10.45 22.67
CA LEU A 371 -20.53 10.84 21.26
C LEU A 371 -21.56 11.91 20.90
N LYS A 372 -21.12 12.98 20.25
CA LYS A 372 -22.05 14.05 19.88
C LYS A 372 -22.68 13.82 18.50
N LEU A 373 -23.91 14.29 18.32
CA LEU A 373 -24.59 14.18 17.03
C LEU A 373 -25.23 15.50 16.64
N LYS A 374 -25.24 15.79 15.34
CA LYS A 374 -25.96 16.92 14.78
C LYS A 374 -27.11 16.40 13.93
N LYS A 375 -28.31 16.93 14.17
CA LYS A 375 -29.48 16.48 13.42
C LYS A 375 -29.70 17.38 12.22
N ASN A 376 -30.13 16.76 11.13
CA ASN A 376 -30.49 17.45 9.89
C ASN A 376 -31.34 18.69 10.17
N GLY A 377 -30.83 19.86 9.78
CA GLY A 377 -31.56 21.10 9.97
C GLY A 377 -31.00 21.96 11.08
N ASP A 378 -30.18 21.36 11.94
CA ASP A 378 -29.59 22.15 13.02
C ASP A 378 -28.25 22.73 12.58
N ASN A 379 -27.86 23.81 13.23
CA ASN A 379 -26.58 24.45 12.98
C ASN A 379 -25.51 23.89 13.91
N ASP A 380 -25.96 23.34 15.04
CA ASP A 380 -25.06 22.88 16.08
C ASP A 380 -25.30 21.40 16.42
N PHE A 381 -24.47 20.87 17.32
CA PHE A 381 -24.59 19.49 17.77
C PHE A 381 -25.37 19.45 19.09
N ARG A 382 -26.69 19.30 19.01
CA ARG A 382 -27.55 19.35 20.19
C ARG A 382 -27.82 17.98 20.78
N TYR A 383 -27.14 16.95 20.28
CA TYR A 383 -27.43 15.61 20.74
C TYR A 383 -26.18 14.89 21.24
N THR A 384 -26.40 13.85 22.04
CA THR A 384 -25.35 12.95 22.46
C THR A 384 -25.89 11.53 22.42
N VAL A 385 -24.99 10.57 22.34
CA VAL A 385 -25.35 9.16 22.43
C VAL A 385 -25.07 8.69 23.85
N ARG A 386 -26.15 8.49 24.61
CA ARG A 386 -26.03 8.09 26.00
C ARG A 386 -25.96 6.60 26.08
N GLU A 387 -26.09 6.09 27.31
CA GLU A 387 -26.11 4.65 27.56
C GLU A 387 -27.22 3.95 26.78
N ASN A 388 -26.93 2.72 26.35
CA ASN A 388 -27.83 1.89 25.55
C ASN A 388 -28.16 2.47 24.17
N GLY A 389 -27.32 3.40 23.70
CA GLY A 389 -27.48 3.95 22.36
C GLY A 389 -28.57 4.99 22.28
N VAL A 390 -29.13 5.37 23.42
CA VAL A 390 -30.21 6.36 23.43
C VAL A 390 -29.72 7.72 22.99
N VAL A 391 -30.34 8.28 21.94
CA VAL A 391 -30.00 9.63 21.52
C VAL A 391 -30.72 10.67 22.37
N TYR A 392 -29.93 11.55 22.96
CA TYR A 392 -30.39 12.49 23.96
C TYR A 392 -30.28 13.93 23.45
N ASN A 393 -31.36 14.71 23.59
CA ASN A 393 -31.33 16.13 23.24
C ASN A 393 -30.74 16.95 24.38
N GLU A 394 -29.55 17.52 24.15
CA GLU A 394 -28.81 18.23 25.19
C GLU A 394 -29.47 19.56 25.58
N THR A 395 -30.30 20.09 24.69
CA THR A 395 -30.93 21.39 24.93
C THR A 395 -32.17 21.24 25.81
N THR A 396 -32.92 20.17 25.56
CA THR A 396 -34.18 19.92 26.25
C THR A 396 -33.99 18.90 27.36
N ASN A 397 -32.80 18.30 27.39
CA ASN A 397 -32.48 17.26 28.37
C ASN A 397 -33.41 16.05 28.40
N LYS A 398 -34.02 15.73 27.27
CA LYS A 398 -34.92 14.58 27.20
C LYS A 398 -34.35 13.55 26.25
N PRO A 399 -34.59 12.27 26.53
CA PRO A 399 -34.27 11.27 25.51
C PRO A 399 -35.19 11.49 24.32
N THR A 400 -34.73 11.11 23.13
CA THR A 400 -35.53 11.19 21.92
C THR A 400 -36.06 9.79 21.64
N ASN A 401 -36.79 9.63 20.54
CA ASN A 401 -37.18 8.29 20.14
C ASN A 401 -36.22 7.72 19.08
N TYR A 402 -34.99 8.21 19.11
CA TYR A 402 -33.93 7.67 18.24
C TYR A 402 -32.92 6.93 19.10
N THR A 403 -32.42 5.81 18.58
CA THR A 403 -31.31 5.10 19.21
C THR A 403 -30.22 4.80 18.17
N ILE A 404 -29.00 4.64 18.67
CA ILE A 404 -27.87 4.25 17.85
C ILE A 404 -27.48 2.83 18.23
N ASN A 405 -27.54 1.90 17.29
CA ASN A 405 -27.18 0.52 17.63
C ASN A 405 -25.65 0.34 17.73
N ASP A 406 -25.21 -0.90 17.93
CA ASP A 406 -23.78 -1.15 18.15
C ASP A 406 -22.96 -0.98 16.88
N LYS A 407 -23.63 -0.98 15.72
CA LYS A 407 -22.98 -0.75 14.44
C LYS A 407 -22.98 0.73 14.06
N TYR A 408 -23.34 1.58 15.01
CA TYR A 408 -23.45 3.02 14.80
C TYR A 408 -24.54 3.36 13.77
N GLU A 409 -25.56 2.50 13.71
CA GLU A 409 -26.69 2.72 12.81
C GLU A 409 -27.87 3.35 13.54
N VAL A 410 -28.62 4.18 12.82
CA VAL A 410 -29.72 4.90 13.41
C VAL A 410 -31.03 4.11 13.37
N LEU A 411 -31.69 4.04 14.52
CA LEU A 411 -33.01 3.44 14.62
C LEU A 411 -33.99 4.50 15.11
N GLU A 412 -35.23 4.44 14.64
CA GLU A 412 -36.28 5.33 15.15
C GLU A 412 -37.42 4.48 15.67
N GLY A 413 -37.77 4.65 16.93
CA GLY A 413 -38.76 3.80 17.59
C GLY A 413 -38.40 2.34 17.43
N GLY A 414 -37.10 2.05 17.39
CA GLY A 414 -36.61 0.69 17.26
C GLY A 414 -36.56 0.19 15.82
N LYS A 415 -36.99 1.02 14.88
CA LYS A 415 -36.97 0.63 13.47
C LYS A 415 -35.72 1.16 12.78
N SER A 416 -35.09 0.32 11.97
CA SER A 416 -33.88 0.73 11.26
C SER A 416 -34.15 1.72 10.13
N LEU A 417 -33.48 2.86 10.18
CA LEU A 417 -33.51 3.81 9.08
C LEU A 417 -32.46 3.42 8.03
N THR A 418 -32.64 3.86 6.80
CA THR A 418 -31.68 3.56 5.74
C THR A 418 -31.31 4.82 4.95
N VAL A 419 -30.25 4.70 4.15
CA VAL A 419 -29.91 5.77 3.22
C VAL A 419 -29.65 5.10 1.87
N GLU A 420 -29.68 5.87 0.80
CA GLU A 420 -29.33 5.32 -0.50
C GLU A 420 -27.82 5.36 -0.73
N GLN A 421 -27.28 4.25 -1.21
CA GLN A 421 -25.84 4.11 -1.46
C GLN A 421 -25.39 4.90 -2.70
N TYR A 422 -24.14 5.37 -2.66
CA TYR A 422 -23.53 6.03 -3.80
C TYR A 422 -22.59 5.11 -4.58
N SER A 423 -22.44 5.39 -5.87
CA SER A 423 -21.41 4.77 -6.70
C SER A 423 -20.60 5.86 -7.39
N VAL A 424 -19.40 5.56 -7.85
CA VAL A 424 -18.60 6.56 -8.55
C VAL A 424 -18.30 6.14 -10.00
N ASP A 425 -18.09 7.13 -10.87
CA ASP A 425 -17.74 6.85 -12.27
C ASP A 425 -17.06 8.07 -12.90
N PHE A 426 -16.30 7.82 -13.96
CA PHE A 426 -15.68 8.89 -14.72
C PHE A 426 -16.29 8.96 -16.13
N ASP A 427 -17.51 8.48 -16.27
CA ASP A 427 -18.14 8.38 -17.60
C ASP A 427 -18.37 9.73 -18.27
N SER A 428 -18.52 10.78 -17.46
CA SER A 428 -18.77 12.12 -17.98
C SER A 428 -17.48 12.88 -18.25
N GLY A 429 -16.34 12.21 -18.09
CA GLY A 429 -15.06 12.88 -18.27
C GLY A 429 -14.47 13.38 -16.96
N SER A 430 -15.29 13.51 -15.92
CA SER A 430 -14.80 13.86 -14.60
C SER A 430 -15.40 12.95 -13.55
N LEU A 431 -14.89 13.03 -12.32
CA LEU A 431 -15.38 12.14 -11.27
C LEU A 431 -16.81 12.52 -10.89
N ARG A 432 -17.68 11.52 -10.83
CA ARG A 432 -19.06 11.74 -10.44
C ARG A 432 -19.40 10.79 -9.31
N GLU A 433 -20.06 11.31 -8.28
CA GLU A 433 -20.53 10.48 -7.17
C GLU A 433 -22.06 10.56 -7.11
N ARG A 434 -22.75 9.44 -7.28
CA ARG A 434 -24.22 9.51 -7.29
C ARG A 434 -24.94 8.28 -6.77
N HIS A 435 -26.16 8.51 -6.29
CA HIS A 435 -27.04 7.46 -5.79
C HIS A 435 -27.25 6.35 -6.82
N ASN A 436 -27.23 5.11 -6.35
CA ASN A 436 -27.28 3.93 -7.21
C ASN A 436 -28.52 3.04 -7.01
N GLY A 437 -29.53 3.54 -6.31
CA GLY A 437 -30.77 2.79 -6.12
C GLY A 437 -30.82 1.82 -4.94
N LYS A 438 -29.69 1.58 -4.28
CA LYS A 438 -29.61 0.57 -3.24
C LYS A 438 -29.70 1.16 -1.81
N GLN A 439 -30.58 0.63 -0.98
CA GLN A 439 -30.67 1.09 0.40
C GLN A 439 -29.72 0.32 1.32
N VAL A 440 -29.05 1.05 2.22
CA VAL A 440 -28.20 0.44 3.24
C VAL A 440 -28.53 1.10 4.58
N PRO A 441 -28.23 0.43 5.70
CA PRO A 441 -28.46 1.02 7.03
C PRO A 441 -27.89 2.42 7.19
N MET A 442 -28.70 3.34 7.71
CA MET A 442 -28.26 4.69 8.01
C MET A 442 -27.22 4.72 9.15
N ASN A 443 -26.00 5.15 8.82
CA ASN A 443 -24.90 5.15 9.78
C ASN A 443 -24.51 6.59 10.07
N VAL A 444 -24.23 6.88 11.34
CA VAL A 444 -23.93 8.25 11.74
C VAL A 444 -22.64 8.83 11.14
N PHE A 445 -21.83 7.97 10.54
CA PHE A 445 -20.63 8.42 9.85
C PHE A 445 -20.90 8.82 8.40
N TYR A 446 -22.15 8.66 7.97
CA TYR A 446 -22.52 8.85 6.55
C TYR A 446 -22.98 10.26 6.21
N LYS A 447 -22.82 10.62 4.94
CA LYS A 447 -23.23 11.93 4.45
C LYS A 447 -24.73 12.14 4.54
N ASP A 448 -25.49 11.10 4.21
CA ASP A 448 -26.94 11.21 4.08
C ASP A 448 -27.68 10.96 5.40
N SER A 449 -26.93 10.78 6.49
CA SER A 449 -27.53 10.39 7.76
C SER A 449 -28.30 11.53 8.43
N LEU A 450 -29.39 11.19 9.11
CA LEU A 450 -30.23 12.16 9.81
C LEU A 450 -29.51 12.73 11.02
N PHE A 451 -28.74 11.88 11.69
CA PHE A 451 -27.81 12.30 12.73
C PHE A 451 -26.38 12.02 12.29
N LYS A 452 -25.52 13.02 12.43
CA LYS A 452 -24.15 12.95 11.95
C LYS A 452 -23.16 13.25 13.07
N VAL A 453 -22.04 12.51 13.09
CA VAL A 453 -20.96 12.77 14.03
C VAL A 453 -20.18 14.01 13.63
N THR A 454 -19.34 14.48 14.55
CA THR A 454 -18.48 15.62 14.32
C THR A 454 -17.48 15.29 13.22
N PRO A 455 -17.33 16.20 12.25
CA PRO A 455 -16.41 15.96 11.12
C PRO A 455 -14.96 16.05 11.56
N THR A 456 -14.50 14.99 12.22
CA THR A 456 -13.15 14.90 12.72
C THR A 456 -12.70 13.43 12.70
N ASN A 457 -11.45 13.17 13.04
CA ASN A 457 -10.93 11.82 13.00
C ASN A 457 -11.09 11.13 14.37
N TYR A 458 -11.37 9.83 14.32
CA TYR A 458 -11.56 9.01 15.53
C TYR A 458 -10.62 7.82 15.44
N ILE A 459 -10.51 7.06 16.53
CA ILE A 459 -9.84 5.77 16.49
C ILE A 459 -10.87 4.72 16.88
N ALA A 460 -10.93 3.62 16.14
CA ALA A 460 -11.83 2.52 16.48
C ALA A 460 -11.04 1.26 16.74
N MET A 461 -11.68 0.34 17.47
CA MET A 461 -11.07 -0.91 17.85
C MET A 461 -12.03 -2.03 17.45
N THR A 462 -11.50 -3.09 16.87
CA THR A 462 -12.25 -4.32 16.71
C THR A 462 -11.46 -5.49 17.30
N THR A 463 -12.15 -6.58 17.63
CA THR A 463 -11.44 -7.76 18.09
C THR A 463 -11.87 -9.02 17.34
N SER A 464 -10.99 -10.01 17.31
CA SER A 464 -11.32 -11.32 16.78
C SER A 464 -11.05 -12.38 17.84
N GLN A 465 -12.00 -13.27 18.04
CA GLN A 465 -11.80 -14.40 18.96
C GLN A 465 -11.46 -15.68 18.19
N ASN A 466 -11.33 -15.58 16.87
CA ASN A 466 -10.98 -16.75 16.06
C ASN A 466 -9.79 -16.46 15.13
N ARG A 467 -8.89 -15.60 15.58
CA ARG A 467 -7.64 -15.32 14.89
C ARG A 467 -7.80 -14.85 13.45
N GLY A 468 -8.72 -13.92 13.23
CA GLY A 468 -8.87 -13.30 11.93
C GLY A 468 -9.90 -13.94 11.01
N GLU A 469 -10.58 -14.99 11.47
CA GLU A 469 -11.66 -15.57 10.68
C GLU A 469 -12.91 -14.69 10.64
N SER A 470 -13.15 -13.95 11.71
CA SER A 470 -14.18 -12.91 11.71
C SER A 470 -13.79 -11.77 12.67
N TRP A 471 -14.42 -10.61 12.48
CA TRP A 471 -14.15 -9.45 13.31
C TRP A 471 -15.45 -8.94 13.93
N GLU A 472 -15.38 -8.54 15.19
CA GLU A 472 -16.51 -7.93 15.87
C GLU A 472 -16.77 -6.55 15.30
N GLN A 473 -17.99 -6.05 15.50
CA GLN A 473 -18.30 -4.66 15.17
C GLN A 473 -17.33 -3.74 15.92
N PHE A 474 -16.81 -2.73 15.23
CA PHE A 474 -15.84 -1.85 15.86
C PHE A 474 -16.48 -0.97 16.93
N LYS A 475 -15.66 -0.52 17.89
CA LYS A 475 -16.08 0.51 18.84
C LYS A 475 -15.10 1.68 18.84
N LEU A 476 -15.63 2.90 18.89
CA LEU A 476 -14.80 4.09 19.01
C LEU A 476 -14.10 4.10 20.36
N LEU A 477 -12.81 4.42 20.36
CA LEU A 477 -12.11 4.72 21.59
C LEU A 477 -12.50 6.14 22.05
N PRO A 478 -12.47 6.38 23.37
CA PRO A 478 -12.74 7.71 23.93
C PRO A 478 -11.61 8.70 23.65
N PRO A 479 -11.87 10.01 23.82
CA PRO A 479 -10.78 10.95 23.61
C PRO A 479 -9.75 10.77 24.71
N PHE A 480 -8.47 10.95 24.41
CA PHE A 480 -7.43 10.78 25.42
C PHE A 480 -6.79 12.12 25.85
N LEU A 481 -6.94 13.14 25.01
CA LEU A 481 -6.27 14.42 25.28
C LEU A 481 -7.27 15.55 25.51
N GLY A 482 -8.49 15.20 25.92
CA GLY A 482 -9.48 16.21 26.25
C GLY A 482 -10.58 16.40 25.23
N GLU A 483 -11.69 16.94 25.70
CA GLU A 483 -12.90 17.16 24.93
C GLU A 483 -12.69 17.96 23.64
N LYS A 484 -11.79 18.95 23.70
CA LYS A 484 -11.62 19.86 22.57
C LYS A 484 -10.31 19.62 21.80
N HIS A 485 -9.91 18.36 21.73
CA HIS A 485 -8.74 17.97 20.97
C HIS A 485 -9.17 16.84 20.04
N ASN A 486 -8.89 16.96 18.74
CA ASN A 486 -9.23 15.88 17.82
C ASN A 486 -8.39 14.63 18.11
N GLY A 487 -8.90 13.47 17.72
CA GLY A 487 -8.21 12.23 18.04
C GLY A 487 -6.76 12.21 17.60
N THR A 488 -5.96 11.38 18.27
CA THR A 488 -4.58 11.17 17.82
C THR A 488 -4.61 10.29 16.57
N TYR A 489 -3.48 10.16 15.89
CA TYR A 489 -3.42 9.35 14.69
C TYR A 489 -2.71 8.04 14.99
N LEU A 490 -3.39 6.92 14.73
CA LEU A 490 -2.80 5.61 14.96
C LEU A 490 -1.54 5.42 14.14
N CYS A 491 -0.51 4.82 14.73
CA CYS A 491 0.67 4.42 13.98
C CYS A 491 0.44 3.06 13.34
N PRO A 492 0.55 2.97 12.00
CA PRO A 492 0.22 1.68 11.40
C PRO A 492 1.30 0.63 11.62
N GLY A 493 0.89 -0.64 11.67
CA GLY A 493 1.80 -1.75 11.81
C GLY A 493 1.37 -2.67 12.92
N GLN A 494 2.18 -2.74 13.97
CA GLN A 494 1.86 -3.61 15.10
C GLN A 494 1.73 -2.82 16.38
N GLY A 495 0.81 -3.24 17.25
CA GLY A 495 0.86 -2.85 18.64
C GLY A 495 1.96 -3.67 19.31
N LEU A 496 2.11 -3.50 20.62
CA LEU A 496 3.14 -4.23 21.34
C LEU A 496 2.51 -4.93 22.53
N ALA A 497 2.75 -6.25 22.59
CA ALA A 497 2.32 -7.06 23.72
C ALA A 497 3.55 -7.39 24.54
N LEU A 498 3.63 -6.79 25.72
CA LEU A 498 4.79 -7.00 26.60
C LEU A 498 4.93 -8.48 26.97
N LYS A 499 6.17 -8.97 26.99
CA LYS A 499 6.43 -10.40 27.16
C LYS A 499 6.14 -10.90 28.58
N SER A 500 6.44 -10.07 29.58
CA SER A 500 6.32 -10.54 30.96
C SER A 500 5.11 -9.97 31.70
N SER A 501 4.17 -9.40 30.96
CA SER A 501 2.92 -8.97 31.58
C SER A 501 1.74 -9.08 30.62
N ASN A 502 0.61 -8.54 31.03
CA ASN A 502 -0.59 -8.50 30.20
C ASN A 502 -0.73 -7.18 29.44
N ARG A 503 0.27 -6.31 29.58
CA ARG A 503 0.20 -4.97 29.00
C ARG A 503 0.21 -4.94 27.48
N LEU A 504 -0.75 -4.19 26.93
CA LEU A 504 -0.85 -3.94 25.49
C LEU A 504 -0.63 -2.45 25.22
N ILE A 505 0.14 -2.16 24.18
CA ILE A 505 0.43 -0.77 23.82
C ILE A 505 0.28 -0.52 22.32
N PHE A 506 -0.50 0.49 21.96
CA PHE A 506 -0.56 0.96 20.59
C PHE A 506 -0.02 2.39 20.53
N ALA A 507 1.02 2.61 19.73
CA ALA A 507 1.53 3.96 19.51
C ALA A 507 0.58 4.77 18.64
N THR A 508 0.36 6.03 19.01
CA THR A 508 -0.30 7.00 18.14
C THR A 508 0.53 8.28 18.19
N TYR A 509 0.23 9.24 17.31
CA TYR A 509 0.92 10.53 17.36
C TYR A 509 -0.04 11.69 17.17
N THR A 510 0.41 12.87 17.59
CA THR A 510 -0.31 14.10 17.35
C THR A 510 0.73 15.22 17.38
N SER A 511 0.29 16.47 17.31
CA SER A 511 1.27 17.55 17.23
C SER A 511 2.10 17.62 18.50
N GLY A 512 3.41 17.47 18.35
CA GLY A 512 4.31 17.64 19.49
C GLY A 512 4.56 16.44 20.39
N GLU A 513 3.98 15.29 20.08
CA GLU A 513 4.20 14.11 20.93
C GLU A 513 3.77 12.79 20.31
N LEU A 514 4.35 11.71 20.82
CA LEU A 514 3.77 10.39 20.62
C LEU A 514 2.82 10.16 21.79
N THR A 515 1.65 9.62 21.48
CA THR A 515 0.70 9.31 22.53
C THR A 515 0.46 7.81 22.57
N TYR A 516 1.08 7.15 23.53
CA TYR A 516 0.94 5.69 23.64
C TYR A 516 -0.35 5.34 24.36
N LEU A 517 -1.11 4.42 23.77
CA LEU A 517 -2.31 3.94 24.44
C LEU A 517 -2.01 2.60 25.09
N ILE A 518 -2.32 2.51 26.38
CA ILE A 518 -1.92 1.37 27.20
C ILE A 518 -3.13 0.67 27.82
N SER A 519 -3.19 -0.65 27.65
CA SER A 519 -4.25 -1.44 28.26
C SER A 519 -3.64 -2.60 29.02
N ASP A 520 -4.15 -2.82 30.23
CA ASP A 520 -3.74 -3.96 31.04
C ASP A 520 -4.92 -4.92 31.22
N ASP A 521 -6.02 -4.66 30.54
CA ASP A 521 -7.20 -5.51 30.71
C ASP A 521 -7.76 -5.99 29.37
N SER A 522 -6.87 -6.45 28.49
CA SER A 522 -7.27 -7.05 27.23
C SER A 522 -8.00 -6.06 26.32
N GLY A 523 -7.67 -4.77 26.45
CA GLY A 523 -8.20 -3.77 25.55
C GLY A 523 -9.58 -3.24 25.92
N GLN A 524 -10.09 -3.64 27.07
CA GLN A 524 -11.38 -3.13 27.54
C GLN A 524 -11.28 -1.65 27.93
N THR A 525 -10.17 -1.28 28.55
CA THR A 525 -9.91 0.11 28.90
C THR A 525 -8.50 0.50 28.50
N TRP A 526 -8.33 1.77 28.18
CA TRP A 526 -7.07 2.31 27.72
C TRP A 526 -6.73 3.57 28.52
N LYS A 527 -5.44 3.78 28.75
CA LYS A 527 -4.96 5.04 29.30
C LYS A 527 -3.83 5.55 28.40
N LYS A 528 -3.56 6.84 28.41
CA LYS A 528 -2.50 7.38 27.58
C LYS A 528 -1.21 7.68 28.34
N SER A 529 -0.09 7.58 27.63
CA SER A 529 1.21 7.98 28.14
C SER A 529 1.83 8.86 27.07
N SER A 530 2.00 10.14 27.41
CA SER A 530 2.48 11.14 26.46
C SER A 530 4.00 11.29 26.49
N ALA A 531 4.61 11.25 25.30
CA ALA A 531 6.05 11.44 25.21
C ALA A 531 6.32 12.55 24.20
N SER A 532 6.71 13.71 24.71
CA SER A 532 6.95 14.85 23.83
C SER A 532 8.09 14.60 22.84
N ILE A 533 7.93 15.12 21.63
CA ILE A 533 8.96 15.03 20.61
C ILE A 533 9.21 16.44 20.11
N PRO A 534 10.44 16.73 19.65
CA PRO A 534 10.77 18.11 19.27
C PRO A 534 10.30 18.45 17.86
N PHE A 535 9.02 18.20 17.60
CA PHE A 535 8.45 18.46 16.29
C PHE A 535 7.06 19.01 16.43
N LYS A 536 6.72 19.97 15.58
CA LYS A 536 5.34 20.35 15.45
C LYS A 536 4.83 19.67 14.20
N ASN A 537 3.62 19.12 14.29
CA ASN A 537 2.90 18.57 13.14
C ASN A 537 3.67 17.56 12.28
N ALA A 538 4.53 16.75 12.89
CA ALA A 538 5.19 15.70 12.14
C ALA A 538 4.25 14.50 12.00
N THR A 539 4.42 13.77 10.92
CA THR A 539 3.78 12.48 10.76
C THR A 539 4.71 11.51 11.47
N ALA A 540 4.55 11.39 12.79
CA ALA A 540 5.51 10.64 13.59
C ALA A 540 5.09 9.18 13.76
N GLU A 541 5.04 8.46 12.65
CA GLU A 541 4.63 7.06 12.68
C GLU A 541 5.70 6.25 13.40
N ALA A 542 5.29 5.56 14.46
CA ALA A 542 6.21 4.93 15.40
C ALA A 542 5.90 3.46 15.59
N GLN A 543 6.95 2.66 15.65
CA GLN A 543 6.81 1.23 15.95
C GLN A 543 7.77 0.85 17.09
N MET A 544 7.35 -0.12 17.90
CA MET A 544 8.06 -0.47 19.14
C MET A 544 8.70 -1.86 19.12
N VAL A 545 9.81 -2.00 19.85
CA VAL A 545 10.36 -3.32 20.18
C VAL A 545 10.68 -3.40 21.66
N GLU A 546 10.44 -4.57 22.26
CA GLU A 546 10.84 -4.81 23.63
C GLU A 546 12.27 -5.35 23.60
N LEU A 547 13.24 -4.53 24.02
CA LEU A 547 14.63 -4.97 24.00
C LEU A 547 14.88 -6.04 25.07
N ARG A 548 14.27 -5.84 26.24
CA ARG A 548 14.24 -6.84 27.30
C ARG A 548 13.07 -6.48 28.19
N ASP A 549 12.75 -7.36 29.15
CA ASP A 549 11.59 -7.17 30.04
CA ASP A 549 11.58 -7.16 30.01
C ASP A 549 11.47 -5.73 30.56
N GLY A 550 10.35 -5.09 30.22
CA GLY A 550 10.07 -3.74 30.67
C GLY A 550 10.71 -2.60 29.88
N VAL A 551 11.65 -2.94 29.00
CA VAL A 551 12.43 -1.95 28.27
C VAL A 551 12.00 -1.83 26.81
N ILE A 552 11.32 -0.72 26.49
CA ILE A 552 10.77 -0.53 25.15
C ILE A 552 11.55 0.52 24.33
N ARG A 553 12.00 0.13 23.15
CA ARG A 553 12.53 1.12 22.21
C ARG A 553 11.56 1.37 21.07
N THR A 554 11.28 2.65 20.83
CA THR A 554 10.39 3.07 19.77
C THR A 554 11.16 3.76 18.65
N PHE A 555 10.98 3.28 17.42
CA PHE A 555 11.59 3.93 16.26
C PHE A 555 10.51 4.68 15.50
N PHE A 556 10.80 5.93 15.12
CA PHE A 556 9.77 6.73 14.49
C PHE A 556 10.22 7.70 13.40
N ARG A 557 9.31 7.93 12.46
CA ARG A 557 9.48 8.82 11.32
C ARG A 557 9.50 10.27 11.79
N THR A 558 10.35 11.08 11.18
CA THR A 558 10.45 12.50 11.55
C THR A 558 10.46 13.40 10.32
N THR A 559 10.82 14.65 10.52
CA THR A 559 10.97 15.61 9.43
C THR A 559 12.44 15.97 9.22
N THR A 560 13.35 15.22 9.83
CA THR A 560 14.77 15.60 9.82
C THR A 560 15.65 14.85 8.83
N GLY A 561 15.07 13.89 8.12
CA GLY A 561 15.87 13.03 7.26
C GLY A 561 16.52 11.86 8.01
N LYS A 562 16.30 11.79 9.31
CA LYS A 562 16.80 10.65 10.09
C LYS A 562 15.67 10.01 10.88
N ILE A 563 15.72 8.68 10.99
CA ILE A 563 14.84 7.96 11.87
C ILE A 563 15.21 8.24 13.33
N ALA A 564 14.21 8.54 14.15
CA ALA A 564 14.45 8.83 15.55
C ALA A 564 14.08 7.65 16.44
N TYR A 565 14.48 7.74 17.71
CA TYR A 565 14.07 6.75 18.70
C TYR A 565 13.98 7.34 20.10
N MET A 566 13.22 6.67 20.95
CA MET A 566 13.16 6.99 22.37
C MET A 566 13.03 5.69 23.15
N THR A 567 13.26 5.73 24.45
CA THR A 567 13.26 4.51 25.26
C THR A 567 12.39 4.66 26.51
N SER A 568 11.68 3.59 26.85
CA SER A 568 10.99 3.51 28.13
C SER A 568 11.62 2.37 28.89
N ARG A 569 11.87 2.56 30.18
CA ARG A 569 12.42 1.47 30.98
C ARG A 569 11.44 1.03 32.06
N ASP A 570 10.18 1.46 31.92
CA ASP A 570 9.15 1.10 32.90
C ASP A 570 7.87 0.67 32.22
N SER A 571 8.01 -0.13 31.16
CA SER A 571 6.87 -0.68 30.43
C SER A 571 5.91 0.40 29.87
N GLY A 572 6.49 1.51 29.43
CA GLY A 572 5.73 2.55 28.74
C GLY A 572 5.12 3.65 29.59
N GLU A 573 5.32 3.62 30.91
CA GLU A 573 4.86 4.71 31.78
C GLU A 573 5.56 6.04 31.45
N THR A 574 6.87 6.01 31.32
CA THR A 574 7.63 7.23 31.02
C THR A 574 8.63 6.97 29.89
N TRP A 575 9.03 8.05 29.22
CA TRP A 575 9.82 7.99 28.00
C TRP A 575 11.02 8.93 28.03
N SER A 576 12.15 8.47 27.47
CA SER A 576 13.35 9.28 27.35
C SER A 576 13.16 10.46 26.38
N LYS A 577 14.22 11.24 26.22
CA LYS A 577 14.28 12.23 25.17
C LYS A 577 14.56 11.53 23.84
N VAL A 578 14.55 12.30 22.76
CA VAL A 578 14.68 11.74 21.43
C VAL A 578 16.13 11.73 20.92
N SER A 579 16.51 10.60 20.31
CA SER A 579 17.80 10.45 19.64
C SER A 579 17.56 10.01 18.21
N TYR A 580 18.63 9.87 17.44
CA TYR A 580 18.49 9.59 16.02
C TYR A 580 19.44 8.51 15.57
N ILE A 581 18.99 7.72 14.60
CA ILE A 581 19.83 6.66 14.07
C ILE A 581 20.74 7.22 13.00
N ASP A 582 22.03 6.89 13.11
CA ASP A 582 22.99 7.18 12.05
C ASP A 582 23.14 5.98 11.13
N GLY A 583 23.46 6.23 9.87
CA GLY A 583 23.70 5.15 8.92
C GLY A 583 22.47 4.83 8.09
N ILE A 584 21.35 5.47 8.40
CA ILE A 584 20.16 5.34 7.58
C ILE A 584 19.66 6.72 7.16
N GLN A 585 19.34 6.87 5.89
CA GLN A 585 18.78 8.13 5.41
C GLN A 585 17.29 8.02 5.08
N GLN A 586 16.54 9.06 5.40
CA GLN A 586 15.18 9.20 4.88
C GLN A 586 15.08 10.56 4.21
N THR A 587 13.98 10.79 3.52
CA THR A 587 13.72 12.07 2.90
C THR A 587 13.25 13.00 4.01
N SER A 588 13.19 14.29 3.69
CA SER A 588 12.69 15.30 4.61
C SER A 588 11.28 15.00 5.14
N TYR A 589 10.41 14.47 4.30
CA TYR A 589 9.05 14.13 4.74
C TYR A 589 8.96 12.78 5.45
N GLY A 590 9.93 11.91 5.20
CA GLY A 590 10.02 10.65 5.95
C GLY A 590 9.10 9.58 5.42
N THR A 591 9.23 8.38 6.00
CA THR A 591 8.43 7.22 5.62
C THR A 591 8.27 6.34 6.85
N GLN A 592 7.11 5.70 6.95
CA GLN A 592 6.84 4.74 8.01
C GLN A 592 7.99 3.73 8.09
N VAL A 593 8.28 3.29 9.30
CA VAL A 593 9.31 2.30 9.52
C VAL A 593 8.71 1.17 10.36
N SER A 594 9.08 -0.06 10.06
CA SER A 594 8.64 -1.19 10.87
C SER A 594 9.84 -1.87 11.52
N ALA A 595 9.60 -2.60 12.61
CA ALA A 595 10.68 -3.12 13.43
C ALA A 595 10.21 -4.27 14.30
N ILE A 596 11.07 -5.29 14.44
CA ILE A 596 10.79 -6.40 15.33
C ILE A 596 12.02 -6.77 16.15
N LYS A 597 11.77 -7.39 17.29
CA LYS A 597 12.81 -8.04 18.07
C LYS A 597 12.90 -9.50 17.63
N TYR A 598 14.03 -9.87 17.03
CA TYR A 598 14.21 -11.23 16.53
C TYR A 598 14.42 -12.20 17.70
N SER A 599 13.84 -13.40 17.60
CA SER A 599 13.87 -14.34 18.72
C SER A 599 15.24 -14.98 18.93
N GLN A 600 16.03 -15.07 17.86
CA GLN A 600 17.28 -15.81 17.92
C GLN A 600 18.48 -14.89 17.98
N LEU A 601 19.56 -15.37 18.58
CA LEU A 601 20.77 -14.56 18.66
C LEU A 601 21.42 -14.48 17.29
N ILE A 602 22.10 -13.37 17.05
CA ILE A 602 22.89 -13.18 15.85
C ILE A 602 24.27 -12.69 16.28
N ASP A 603 25.31 -13.38 15.83
CA ASP A 603 26.67 -13.13 16.33
C ASP A 603 26.72 -13.10 17.85
N GLY A 604 25.88 -13.92 18.49
CA GLY A 604 25.85 -14.05 19.94
C GLY A 604 25.09 -12.95 20.65
N LYS A 605 24.33 -12.15 19.92
CA LYS A 605 23.67 -10.98 20.52
C LYS A 605 22.17 -10.92 20.23
N GLU A 606 21.44 -10.22 21.10
CA GLU A 606 20.03 -9.96 20.87
C GLU A 606 19.95 -9.04 19.65
N ALA A 607 18.95 -9.26 18.81
CA ALA A 607 18.88 -8.55 17.54
C ALA A 607 17.53 -7.88 17.32
N VAL A 608 17.59 -6.69 16.73
CA VAL A 608 16.41 -5.98 16.27
C VAL A 608 16.55 -5.88 14.77
N ILE A 609 15.44 -6.04 14.05
CA ILE A 609 15.43 -5.79 12.61
C ILE A 609 14.54 -4.59 12.27
N LEU A 610 15.08 -3.71 11.44
CA LEU A 610 14.38 -2.51 11.04
C LEU A 610 14.10 -2.57 9.54
N SER A 611 12.90 -2.16 9.13
CA SER A 611 12.56 -2.08 7.71
C SER A 611 12.20 -0.65 7.30
N THR A 612 12.88 -0.14 6.27
CA THR A 612 12.73 1.25 5.88
C THR A 612 13.34 1.47 4.49
N PRO A 613 12.84 2.48 3.76
CA PRO A 613 13.67 2.96 2.65
C PRO A 613 14.95 3.56 3.21
N ASN A 614 16.04 3.43 2.46
CA ASN A 614 17.29 4.07 2.85
C ASN A 614 17.70 4.98 1.70
N SER A 615 17.11 6.17 1.68
CA SER A 615 17.36 7.13 0.61
C SER A 615 16.99 8.52 1.07
N ARG A 616 17.79 9.47 0.63
CA ARG A 616 17.56 10.87 0.94
C ARG A 616 16.68 11.47 -0.14
N SER A 617 16.49 10.75 -1.23
CA SER A 617 15.86 11.29 -2.45
C SER A 617 14.37 10.97 -2.64
N GLY A 618 13.98 9.73 -2.37
CA GLY A 618 12.60 9.33 -2.51
C GLY A 618 12.34 8.09 -1.69
N ARG A 619 11.19 7.45 -1.92
CA ARG A 619 10.86 6.21 -1.20
C ARG A 619 11.33 5.07 -2.08
N LYS A 620 12.60 4.72 -1.90
CA LYS A 620 13.26 3.73 -2.74
C LYS A 620 14.45 3.24 -1.94
N GLY A 621 15.13 2.22 -2.46
CA GLY A 621 16.29 1.68 -1.79
C GLY A 621 15.91 0.95 -0.51
N GLY A 622 14.90 0.07 -0.60
CA GLY A 622 14.42 -0.63 0.58
C GLY A 622 15.46 -1.48 1.28
N GLN A 623 15.55 -1.36 2.60
CA GLN A 623 16.47 -2.17 3.38
C GLN A 623 15.85 -2.81 4.62
N LEU A 624 16.39 -3.97 4.99
CA LEU A 624 16.23 -4.47 6.33
C LEU A 624 17.56 -4.27 7.00
N VAL A 625 17.56 -3.58 8.13
CA VAL A 625 18.81 -3.32 8.83
C VAL A 625 18.82 -4.10 10.15
N VAL A 626 19.86 -4.92 10.33
CA VAL A 626 19.97 -5.74 11.52
C VAL A 626 20.85 -5.05 12.56
N GLY A 627 20.28 -4.82 13.73
CA GLY A 627 21.02 -4.21 14.84
C GLY A 627 21.26 -5.18 15.98
N LEU A 628 22.50 -5.23 16.45
CA LEU A 628 22.85 -6.04 17.61
C LEU A 628 22.83 -5.16 18.86
N VAL A 629 22.16 -5.66 19.89
CA VAL A 629 21.96 -4.89 21.11
C VAL A 629 23.12 -5.02 22.08
N ASN A 630 23.63 -3.89 22.55
CA ASN A 630 24.66 -3.88 23.58
C ASN A 630 24.02 -4.00 24.96
N LYS A 631 24.16 -5.18 25.57
CA LYS A 631 23.59 -5.47 26.89
C LYS A 631 24.02 -4.50 28.00
N GLU A 632 25.18 -3.88 27.84
CA GLU A 632 25.66 -2.92 28.84
C GLU A 632 24.76 -1.70 28.92
N ASP A 633 24.42 -1.13 27.76
CA ASP A 633 23.75 0.17 27.74
C ASP A 633 22.51 0.28 26.84
N ASP A 634 22.07 -0.85 26.29
CA ASP A 634 20.90 -0.93 25.41
C ASP A 634 21.04 -0.23 24.05
N SER A 635 22.24 0.24 23.76
CA SER A 635 22.54 0.80 22.44
C SER A 635 22.56 -0.31 21.40
N ILE A 636 22.36 0.06 20.15
CA ILE A 636 22.22 -0.90 19.08
C ILE A 636 23.31 -0.67 18.05
N ASP A 637 24.01 -1.75 17.68
CA ASP A 637 25.03 -1.69 16.64
C ASP A 637 24.39 -2.12 15.31
N TRP A 638 24.14 -1.16 14.42
CA TRP A 638 23.52 -1.46 13.13
C TRP A 638 24.58 -2.08 12.22
N LYS A 639 24.63 -3.40 12.21
CA LYS A 639 25.77 -4.13 11.65
C LYS A 639 25.57 -4.64 10.22
N TYR A 640 24.35 -5.07 9.89
CA TYR A 640 24.05 -5.59 8.55
C TYR A 640 22.95 -4.77 7.87
N HIS A 641 23.15 -4.43 6.59
CA HIS A 641 22.15 -3.74 5.77
C HIS A 641 21.76 -4.59 4.56
N TYR A 642 20.59 -5.23 4.58
CA TYR A 642 20.12 -6.05 3.44
C TYR A 642 19.29 -5.26 2.42
N ASP A 643 19.71 -5.27 1.16
CA ASP A 643 19.02 -4.58 0.08
C ASP A 643 17.83 -5.38 -0.43
N ILE A 644 16.62 -4.89 -0.21
CA ILE A 644 15.40 -5.57 -0.69
C ILE A 644 15.41 -5.72 -2.21
N ASP A 645 15.76 -4.64 -2.89
CA ASP A 645 15.91 -4.62 -4.34
C ASP A 645 16.88 -3.47 -4.62
N LEU A 646 16.94 -3.00 -5.86
CA LEU A 646 17.83 -1.89 -6.24
C LEU A 646 17.62 -0.59 -5.43
N PRO A 647 18.72 0.15 -5.22
CA PRO A 647 18.63 1.48 -4.61
C PRO A 647 17.64 2.41 -5.31
N SER A 648 17.46 2.23 -6.62
CA SER A 648 16.61 3.14 -7.41
C SER A 648 15.16 2.66 -7.51
N TYR A 649 14.90 1.43 -7.07
CA TYR A 649 13.57 0.86 -7.13
C TYR A 649 12.75 1.17 -5.87
N GLY A 650 11.44 1.33 -6.05
CA GLY A 650 10.55 1.79 -5.01
C GLY A 650 10.42 0.93 -3.75
N TYR A 651 10.35 1.62 -2.62
CA TYR A 651 10.09 0.97 -1.33
C TYR A 651 9.56 2.01 -0.35
N ALA A 652 8.32 1.84 0.09
CA ALA A 652 7.73 2.80 1.01
C ALA A 652 7.30 2.16 2.35
N TYR A 653 6.02 2.24 2.66
CA TYR A 653 5.50 1.65 3.90
C TYR A 653 5.74 0.15 3.91
N SER A 654 5.98 -0.41 5.08
CA SER A 654 6.34 -1.82 5.13
C SER A 654 5.89 -2.48 6.43
N ALA A 655 5.78 -3.80 6.40
CA ALA A 655 5.47 -4.60 7.58
C ALA A 655 6.47 -5.74 7.63
N ILE A 656 6.98 -6.06 8.82
CA ILE A 656 7.84 -7.21 8.96
C ILE A 656 7.40 -8.07 10.16
N THR A 657 7.53 -9.39 10.02
CA THR A 657 7.29 -10.27 11.17
C THR A 657 8.23 -11.47 11.15
N GLU A 658 8.63 -11.93 12.33
CA GLU A 658 9.28 -13.23 12.40
C GLU A 658 8.21 -14.32 12.25
N LEU A 659 8.35 -15.14 11.21
CA LEU A 659 7.41 -16.23 10.95
C LEU A 659 7.69 -17.36 11.93
N PRO A 660 6.73 -18.28 12.12
CA PRO A 660 6.94 -19.32 13.13
C PRO A 660 8.17 -20.19 12.91
N ASN A 661 8.64 -20.31 11.66
CA ASN A 661 9.82 -21.10 11.35
C ASN A 661 11.11 -20.29 11.46
N HIS A 662 11.00 -19.07 12.00
CA HIS A 662 12.11 -18.11 12.14
C HIS A 662 12.56 -17.42 10.84
N HIS A 663 11.81 -17.63 9.76
CA HIS A 663 12.04 -16.86 8.55
C HIS A 663 11.50 -15.46 8.81
N ILE A 664 11.81 -14.53 7.92
CA ILE A 664 11.27 -13.19 8.04
C ILE A 664 10.27 -12.95 6.92
N GLY A 665 9.07 -12.50 7.27
CA GLY A 665 8.08 -12.13 6.26
C GLY A 665 8.06 -10.61 6.14
N VAL A 666 8.01 -10.12 4.90
CA VAL A 666 7.95 -8.68 4.62
C VAL A 666 6.81 -8.41 3.66
N LEU A 667 5.89 -7.54 4.06
CA LEU A 667 4.82 -7.11 3.18
C LEU A 667 4.99 -5.60 3.03
N PHE A 668 5.15 -5.13 1.80
CA PHE A 668 5.57 -3.75 1.63
C PHE A 668 5.05 -3.12 0.32
N GLU A 669 4.98 -1.79 0.36
CA GLU A 669 4.68 -0.98 -0.81
C GLU A 669 5.91 -0.94 -1.73
N LYS A 670 5.86 -1.69 -2.81
CA LYS A 670 6.98 -1.70 -3.75
C LYS A 670 6.82 -0.58 -4.79
N TYR A 671 6.79 0.66 -4.31
CA TYR A 671 6.72 1.82 -5.19
C TYR A 671 6.90 3.06 -4.34
N ASP A 672 7.14 4.20 -4.98
CA ASP A 672 7.23 5.45 -4.23
C ASP A 672 5.82 5.98 -3.96
N SER A 673 5.35 5.76 -2.74
CA SER A 673 3.98 6.10 -2.42
C SER A 673 3.83 7.58 -2.04
N TRP A 674 4.92 8.33 -2.16
CA TRP A 674 4.87 9.80 -2.05
C TRP A 674 4.78 10.43 -3.42
N SER A 675 5.52 9.87 -4.38
CA SER A 675 5.61 10.44 -5.73
C SER A 675 4.26 10.73 -6.36
N ARG A 676 4.11 11.93 -6.91
CA ARG A 676 2.87 12.25 -7.60
C ARG A 676 2.87 11.64 -9.00
N ASN A 677 3.97 10.98 -9.38
CA ASN A 677 4.03 10.27 -10.64
C ASN A 677 3.63 8.78 -10.50
N GLU A 678 3.50 8.31 -9.27
CA GLU A 678 3.30 6.88 -9.03
C GLU A 678 2.00 6.56 -8.30
N LEU A 679 1.02 7.43 -8.49
CA LEU A 679 -0.30 7.26 -7.91
C LEU A 679 -1.09 6.16 -8.64
N HIS A 680 -1.96 5.49 -7.91
CA HIS A 680 -2.94 4.56 -8.47
C HIS A 680 -2.31 3.46 -9.30
N LEU A 681 -1.34 2.74 -8.72
CA LEU A 681 -0.80 1.54 -9.37
C LEU A 681 -1.41 0.33 -8.67
N SER A 682 -1.72 -0.71 -9.44
CA SER A 682 -2.31 -1.90 -8.86
C SER A 682 -1.27 -2.95 -8.57
N ASN A 683 -1.48 -3.71 -7.50
CA ASN A 683 -0.62 -4.84 -7.17
C ASN A 683 0.86 -4.49 -7.01
N VAL A 684 1.14 -3.42 -6.27
CA VAL A 684 2.51 -3.05 -5.92
C VAL A 684 2.81 -3.35 -4.45
N VAL A 685 1.77 -3.59 -3.65
CA VAL A 685 1.99 -4.10 -2.30
C VAL A 685 2.27 -5.59 -2.35
N GLN A 686 3.51 -5.96 -2.06
CA GLN A 686 3.95 -7.32 -2.27
C GLN A 686 4.59 -7.96 -1.05
N TYR A 687 4.61 -9.30 -1.04
CA TYR A 687 5.13 -10.08 0.08
C TYR A 687 6.31 -10.95 -0.33
N ILE A 688 7.33 -10.98 0.51
CA ILE A 688 8.48 -11.84 0.26
C ILE A 688 8.88 -12.61 1.51
N ASP A 689 9.56 -13.73 1.30
CA ASP A 689 10.03 -14.56 2.41
C ASP A 689 11.55 -14.51 2.43
N LEU A 690 12.12 -14.25 3.60
CA LEU A 690 13.58 -14.18 3.72
C LEU A 690 14.04 -15.04 4.89
N GLU A 691 15.29 -15.48 4.83
CA GLU A 691 15.91 -16.15 5.96
C GLU A 691 16.99 -15.27 6.52
N ILE A 692 17.30 -15.46 7.80
CA ILE A 692 18.24 -14.57 8.48
C ILE A 692 19.61 -14.53 7.81
N ASN A 693 20.08 -15.67 7.29
CA ASN A 693 21.34 -15.70 6.53
C ASN A 693 21.33 -14.85 5.25
N ASP A 694 20.14 -14.66 4.67
CA ASP A 694 20.00 -13.73 3.55
C ASP A 694 20.38 -12.31 3.98
N LEU A 695 20.02 -11.95 5.20
CA LEU A 695 20.20 -10.58 5.70
C LEU A 695 21.64 -10.28 6.09
N THR A 696 22.29 -11.25 6.73
CA THR A 696 23.67 -11.09 7.14
C THR A 696 24.61 -11.45 5.98
#